data_3QGU
#
_entry.id   3QGU
#
_cell.length_a   58.952
_cell.length_b   91.800
_cell.length_c   162.777
_cell.angle_alpha   90.00
_cell.angle_beta   90.00
_cell.angle_gamma   90.00
#
_symmetry.space_group_name_H-M   'P 21 21 21'
#
loop_
_entity.id
_entity.type
_entity.pdbx_description
1 polymer 'LL-diaminopimelate aminotransferase'
2 non-polymer 'SULFATE ION'
3 non-polymer GLYCEROL
4 non-polymer 'AZIDE ION'
5 water water
#
_entity_poly.entity_id   1
_entity_poly.type   'polypeptide(L)'
_entity_poly.pdbx_seq_one_letter_code
;MQLNVRSTASGARSSTRSRRMTAVVQAVAQRAGTIDVQRNENFGKLRAGYLFPEIARRRKAHQEKNPDAKIISLGIGDTT
EPLPKYIADAMAKAAAGLATREGYSGYGAEQGQGALREAVASTFYGHAGRAADEIFISDGSKCDIARIQMMFGSKPTVAV
QDPSYPVYVDTSVMMGMTGDHNGTGFDGIEYMVCNPDNHFFPDLSKAKRTDIIFFCSPNNPTGAAATRAQLTELVNFARK
NGSILVYDAAYALYISNPDCPKTIYEIPGADEVAIETCSFSKYAGFTGVRLGWTVVPKALKYANGEPVHADWNRVMTTCF
NGASNIVQAGGLACLQPEGLKEMNAMIKFYKENAQILKTTFTEMGFSVYGGDDAPYIWVGFPGKPSWDVFAEILERCNIV
TTPGSGYGPAGEGFVRASAFGSRENILEAVRRFKEAYGKRNASHHHHHH
;
_entity_poly.pdbx_strand_id   A,B
#
loop_
_chem_comp.id
_chem_comp.type
_chem_comp.name
_chem_comp.formula
AZI non-polymer 'AZIDE ION' 'N3 -1'
GOL non-polymer GLYCEROL 'C3 H8 O3'
SO4 non-polymer 'SULFATE ION' 'O4 S -2'
#
# COMPACT_ATOMS: atom_id res chain seq x y z
N GLY A 33 29.11 6.27 15.64
CA GLY A 33 28.19 5.95 14.52
C GLY A 33 28.49 6.86 13.35
N THR A 34 27.77 6.73 12.25
CA THR A 34 28.04 7.61 11.12
C THR A 34 26.77 8.26 10.56
N ILE A 35 25.63 8.10 11.25
CA ILE A 35 24.34 8.73 10.79
C ILE A 35 23.89 9.83 11.73
N ASP A 36 23.52 11.01 11.21
CA ASP A 36 23.17 12.13 12.09
C ASP A 36 21.68 12.37 12.08
N VAL A 37 20.95 11.60 11.28
CA VAL A 37 19.49 11.72 11.26
C VAL A 37 18.90 11.21 12.57
N GLN A 38 18.07 12.02 13.20
CA GLN A 38 17.43 11.58 14.44
C GLN A 38 16.23 10.68 14.14
N ARG A 39 15.95 9.76 15.03
CA ARG A 39 14.77 8.92 14.89
C ARG A 39 13.54 9.80 14.89
N ASN A 40 12.57 9.44 14.08
CA ASN A 40 11.25 10.12 14.13
C ASN A 40 10.68 10.03 15.55
N GLU A 41 10.44 11.18 16.17
CA GLU A 41 9.94 11.25 17.58
C GLU A 41 8.63 10.46 17.77
N ASN A 42 7.82 10.40 16.74
CA ASN A 42 6.54 9.74 16.85
C ASN A 42 6.68 8.23 17.05
N PHE A 43 7.76 7.64 16.52
CA PHE A 43 8.04 6.19 16.75
C PHE A 43 8.48 5.87 18.18
N GLY A 44 9.11 6.86 18.85
CA GLY A 44 9.42 6.70 20.24
C GLY A 44 8.20 6.76 21.11
N LYS A 45 7.10 7.30 20.61
CA LYS A 45 5.83 7.33 21.40
C LYS A 45 5.17 5.96 21.53
N LEU A 46 5.39 5.09 20.58
CA LEU A 46 4.89 3.70 20.62
C LEU A 46 5.60 2.92 21.72
N ARG A 47 4.85 2.11 22.48
CA ARG A 47 5.39 1.55 23.73
C ARG A 47 5.89 0.09 23.57
N ALA A 48 5.35 -0.59 22.55
CA ALA A 48 5.49 -2.01 22.29
C ALA A 48 5.32 -2.10 20.79
N GLY A 49 5.70 -3.26 20.26
CA GLY A 49 5.41 -3.65 18.89
C GLY A 49 3.90 -3.84 18.63
N TYR A 50 3.55 -4.01 17.37
CA TYR A 50 2.16 -4.21 17.01
C TYR A 50 1.54 -5.54 17.61
N LEU A 51 0.27 -5.51 18.01
CA LEU A 51 -0.41 -6.65 18.68
C LEU A 51 -0.26 -8.02 17.94
N PHE A 52 -0.59 -8.03 16.64
CA PHE A 52 -0.71 -9.36 15.98
C PHE A 52 0.62 -10.02 15.86
N PRO A 53 1.68 -9.31 15.45
CA PRO A 53 2.99 -10.00 15.51
C PRO A 53 3.36 -10.50 16.87
N GLU A 54 2.98 -9.79 17.92
CA GLU A 54 3.31 -10.27 19.24
C GLU A 54 2.53 -11.54 19.57
N ILE A 55 1.25 -11.60 19.17
CA ILE A 55 0.51 -12.88 19.44
C ILE A 55 1.16 -14.03 18.67
N ALA A 56 1.60 -13.74 17.46
CA ALA A 56 2.23 -14.83 16.68
C ALA A 56 3.57 -15.27 17.35
N ARG A 57 4.31 -14.31 17.89
CA ARG A 57 5.53 -14.63 18.54
C ARG A 57 5.27 -15.46 19.80
N ARG A 58 4.23 -15.11 20.53
CA ARG A 58 3.90 -15.85 21.75
C ARG A 58 3.49 -17.27 21.46
N ARG A 59 2.76 -17.44 20.35
CA ARG A 59 2.30 -18.75 19.90
C ARG A 59 3.50 -19.59 19.53
N LYS A 60 4.41 -18.99 18.78
CA LYS A 60 5.65 -19.70 18.42
C LYS A 60 6.49 -20.08 19.66
N ALA A 61 6.60 -19.18 20.63
CA ALA A 61 7.40 -19.49 21.84
C ALA A 61 6.73 -20.62 22.65
N HIS A 62 5.42 -20.57 22.74
CA HIS A 62 4.69 -21.63 23.42
C HIS A 62 4.88 -22.99 22.74
N GLN A 63 4.89 -23.00 21.40
CA GLN A 63 5.11 -24.23 20.64
C GLN A 63 6.51 -24.73 20.85
N GLU A 64 7.49 -23.85 20.87
CA GLU A 64 8.89 -24.29 21.14
C GLU A 64 9.09 -24.87 22.53
N LYS A 65 8.35 -24.38 23.53
CA LYS A 65 8.40 -24.97 24.88
C LYS A 65 7.62 -26.29 24.99
N ASN A 66 6.66 -26.49 24.12
CA ASN A 66 5.74 -27.60 24.16
C ASN A 66 5.62 -28.21 22.75
N PRO A 67 6.69 -28.88 22.25
CA PRO A 67 6.69 -29.27 20.83
C PRO A 67 5.62 -30.28 20.43
N ASP A 68 5.05 -30.99 21.42
CA ASP A 68 3.95 -31.92 21.15
C ASP A 68 2.55 -31.31 21.29
N ALA A 69 2.45 -30.11 21.85
CA ALA A 69 1.12 -29.45 21.96
C ALA A 69 0.51 -29.20 20.57
N LYS A 70 -0.75 -29.57 20.44
CA LYS A 70 -1.54 -29.29 19.26
C LYS A 70 -2.29 -27.97 19.48
N ILE A 71 -1.72 -26.88 18.99
CA ILE A 71 -2.24 -25.53 19.31
C ILE A 71 -3.33 -25.16 18.31
N ILE A 72 -4.47 -24.75 18.84
CA ILE A 72 -5.58 -24.27 17.96
C ILE A 72 -5.61 -22.76 18.00
N SER A 73 -5.53 -22.10 16.86
CA SER A 73 -5.54 -20.64 16.92
C SER A 73 -6.98 -20.12 16.71
N LEU A 74 -7.47 -19.36 17.69
CA LEU A 74 -8.69 -18.59 17.57
C LEU A 74 -8.21 -17.16 17.80
N GLY A 75 -6.98 -16.90 17.40
CA GLY A 75 -6.32 -15.67 17.76
C GLY A 75 -6.42 -14.58 16.71
N ILE A 76 -5.38 -14.49 15.87
CA ILE A 76 -5.35 -13.42 14.88
C ILE A 76 -6.49 -13.58 13.88
N GLY A 77 -6.89 -14.82 13.59
CA GLY A 77 -7.93 -15.07 12.52
C GLY A 77 -7.21 -15.45 11.21
N ASP A 78 -5.97 -15.90 11.29
CA ASP A 78 -5.24 -16.18 10.03
CA ASP A 78 -5.20 -16.24 10.07
C ASP A 78 -5.66 -17.50 9.35
N THR A 79 -6.31 -18.38 10.10
CA THR A 79 -6.69 -19.71 9.59
C THR A 79 -8.06 -19.70 8.94
N THR A 80 -8.17 -18.81 7.96
CA THR A 80 -9.39 -18.75 7.17
C THR A 80 -9.57 -20.03 6.35
N GLU A 81 -10.82 -20.33 6.03
CA GLU A 81 -11.14 -21.58 5.27
C GLU A 81 -10.74 -21.39 3.80
N PRO A 82 -10.66 -22.45 3.06
CA PRO A 82 -10.25 -22.31 1.63
C PRO A 82 -11.16 -21.34 0.90
N LEU A 83 -10.52 -20.54 0.02
CA LEU A 83 -11.25 -19.56 -0.75
C LEU A 83 -12.29 -20.23 -1.67
N PRO A 84 -13.49 -19.65 -1.78
CA PRO A 84 -14.48 -20.16 -2.73
C PRO A 84 -13.83 -20.32 -4.12
N LYS A 85 -14.10 -21.48 -4.73
CA LYS A 85 -13.35 -21.81 -5.94
C LYS A 85 -13.72 -20.91 -7.11
N TYR A 86 -14.93 -20.32 -7.14
CA TYR A 86 -15.20 -19.46 -8.28
C TYR A 86 -14.28 -18.23 -8.25
N ILE A 87 -13.94 -17.75 -7.04
CA ILE A 87 -13.02 -16.61 -6.93
C ILE A 87 -11.59 -17.06 -7.34
N ALA A 88 -11.14 -18.15 -6.75
CA ALA A 88 -9.78 -18.69 -7.03
C ALA A 88 -9.59 -18.92 -8.57
N ASP A 89 -10.65 -19.46 -9.22
CA ASP A 89 -10.63 -19.70 -10.66
C ASP A 89 -10.34 -18.41 -11.43
N ALA A 90 -11.04 -17.32 -11.05
CA ALA A 90 -10.87 -16.07 -11.79
C ALA A 90 -9.44 -15.52 -11.61
N MET A 91 -8.93 -15.62 -10.39
CA MET A 91 -7.56 -15.20 -10.13
C MET A 91 -6.53 -16.04 -10.88
N ALA A 92 -6.75 -17.33 -10.95
CA ALA A 92 -5.79 -18.22 -11.64
C ALA A 92 -5.86 -17.88 -13.15
N LYS A 93 -7.04 -17.72 -13.70
CA LYS A 93 -7.14 -17.44 -15.14
C LYS A 93 -6.51 -16.09 -15.47
N ALA A 94 -6.72 -15.08 -14.61
CA ALA A 94 -6.06 -13.78 -14.84
C ALA A 94 -4.53 -13.91 -14.77
N ALA A 95 -4.04 -14.72 -13.84
CA ALA A 95 -2.58 -14.95 -13.74
C ALA A 95 -2.04 -15.66 -14.95
N ALA A 96 -2.74 -16.75 -15.31
CA ALA A 96 -2.23 -17.48 -16.48
C ALA A 96 -2.19 -16.60 -17.74
N GLY A 97 -3.22 -15.73 -17.87
CA GLY A 97 -3.34 -14.86 -19.03
C GLY A 97 -2.25 -13.83 -19.13
N LEU A 98 -1.42 -13.65 -18.09
CA LEU A 98 -0.35 -12.66 -18.19
C LEU A 98 0.63 -13.05 -19.21
N ALA A 99 0.73 -14.36 -19.45
CA ALA A 99 1.70 -14.90 -20.45
C ALA A 99 1.32 -14.65 -21.87
N THR A 100 0.08 -14.15 -22.10
CA THR A 100 -0.40 -13.95 -23.49
C THR A 100 -1.07 -12.60 -23.68
N ARG A 101 -0.76 -11.63 -22.80
CA ARG A 101 -1.25 -10.26 -23.05
C ARG A 101 -0.18 -9.24 -22.73
N GLU A 102 -0.32 -8.08 -23.37
CA GLU A 102 0.49 -6.91 -23.03
CA GLU A 102 0.51 -6.94 -23.01
C GLU A 102 -0.02 -6.26 -21.74
N GLY A 103 0.84 -5.44 -21.13
CA GLY A 103 0.44 -4.63 -19.96
C GLY A 103 -0.75 -3.80 -20.35
N TYR A 104 -1.62 -3.59 -19.37
CA TYR A 104 -2.79 -2.74 -19.64
C TYR A 104 -2.42 -1.27 -19.72
N SER A 105 -3.14 -0.52 -20.57
CA SER A 105 -2.85 0.91 -20.56
C SER A 105 -4.24 1.51 -20.56
N GLY A 106 -4.44 2.67 -19.93
CA GLY A 106 -5.80 3.24 -19.82
C GLY A 106 -5.88 4.46 -18.89
N TYR A 107 -6.79 5.37 -19.23
CA TYR A 107 -7.14 6.47 -18.31
C TYR A 107 -8.09 5.86 -17.20
N GLY A 108 -9.12 5.08 -17.60
CA GLY A 108 -10.08 4.55 -16.59
C GLY A 108 -9.78 3.14 -16.02
N ALA A 109 -8.81 2.93 -15.12
CA ALA A 109 -8.23 3.90 -14.18
C ALA A 109 -7.23 3.29 -13.23
N GLU A 110 -6.29 4.16 -12.83
CA GLU A 110 -5.46 3.85 -11.66
C GLU A 110 -6.36 3.89 -10.40
N GLN A 111 -7.67 4.11 -10.57
CA GLN A 111 -8.51 3.95 -9.35
C GLN A 111 -9.04 2.50 -9.15
N GLY A 112 -8.77 1.65 -10.12
CA GLY A 112 -9.30 0.31 -10.11
C GLY A 112 -10.06 0.07 -11.41
N GLN A 113 -10.12 -1.22 -11.87
CA GLN A 113 -10.89 -1.47 -13.08
C GLN A 113 -12.34 -0.92 -12.98
N GLY A 114 -12.79 -0.30 -14.07
CA GLY A 114 -14.17 0.21 -14.13
C GLY A 114 -15.20 -0.87 -13.85
N ALA A 115 -15.03 -2.07 -14.40
CA ALA A 115 -16.04 -3.07 -14.15
C ALA A 115 -16.15 -3.46 -12.69
N LEU A 116 -15.02 -3.47 -11.99
CA LEU A 116 -15.06 -3.80 -10.56
C LEU A 116 -15.63 -2.64 -9.72
N ARG A 117 -15.22 -1.41 -10.06
CA ARG A 117 -15.83 -0.29 -9.35
C ARG A 117 -17.33 -0.22 -9.58
N GLU A 118 -17.79 -0.50 -10.80
CA GLU A 118 -19.24 -0.52 -11.06
C GLU A 118 -19.90 -1.67 -10.27
N ALA A 119 -19.24 -2.83 -10.20
CA ALA A 119 -19.86 -3.95 -9.50
C ALA A 119 -19.93 -3.64 -8.00
N VAL A 120 -18.88 -3.00 -7.43
CA VAL A 120 -18.93 -2.64 -6.01
C VAL A 120 -20.01 -1.61 -5.79
N ALA A 121 -20.06 -0.61 -6.65
CA ALA A 121 -21.09 0.49 -6.45
C ALA A 121 -22.49 -0.14 -6.49
N SER A 122 -22.77 -1.04 -7.45
CA SER A 122 -24.09 -1.68 -7.57
C SER A 122 -24.42 -2.65 -6.47
N THR A 123 -23.47 -3.49 -6.06
CA THR A 123 -23.69 -4.52 -5.10
C THR A 123 -23.80 -3.98 -3.71
N PHE A 124 -22.91 -3.06 -3.38
CA PHE A 124 -22.84 -2.59 -1.98
C PHE A 124 -23.46 -1.23 -1.75
N TYR A 125 -23.71 -0.46 -2.81
CA TYR A 125 -24.14 0.90 -2.61
C TYR A 125 -25.28 1.22 -3.54
N GLY A 126 -25.93 0.18 -4.07
CA GLY A 126 -27.02 0.41 -5.06
C GLY A 126 -28.23 1.21 -4.54
N HIS A 127 -28.48 1.11 -3.24
CA HIS A 127 -29.51 1.94 -2.61
C HIS A 127 -28.94 3.00 -1.64
N ALA A 128 -27.64 3.25 -1.78
CA ALA A 128 -26.94 4.14 -0.85
C ALA A 128 -26.23 5.28 -1.59
N GLY A 129 -26.55 5.44 -2.87
CA GLY A 129 -26.17 6.68 -3.54
C GLY A 129 -24.77 6.79 -4.16
N ARG A 130 -23.91 5.78 -3.96
CA ARG A 130 -22.51 5.99 -4.38
C ARG A 130 -22.32 5.63 -5.84
N ALA A 131 -21.41 6.36 -6.48
CA ALA A 131 -21.10 6.11 -7.87
C ALA A 131 -19.77 5.39 -8.00
N ALA A 132 -19.61 4.72 -9.16
CA ALA A 132 -18.34 4.01 -9.41
C ALA A 132 -17.10 4.93 -9.32
N ASP A 133 -17.25 6.26 -9.63
CA ASP A 133 -16.08 7.10 -9.57
C ASP A 133 -15.68 7.54 -8.17
N GLU A 134 -16.50 7.15 -7.18
CA GLU A 134 -16.21 7.41 -5.79
C GLU A 134 -15.51 6.21 -5.14
N ILE A 135 -15.30 5.11 -5.90
CA ILE A 135 -14.76 3.86 -5.36
C ILE A 135 -13.30 3.81 -5.78
N PHE A 136 -12.42 3.49 -4.79
CA PHE A 136 -10.98 3.41 -5.10
C PHE A 136 -10.55 2.02 -4.65
N ILE A 137 -10.13 1.16 -5.62
CA ILE A 137 -9.72 -0.18 -5.30
C ILE A 137 -8.27 -0.19 -4.83
N SER A 138 -8.01 -0.92 -3.73
CA SER A 138 -6.62 -1.04 -3.23
C SER A 138 -6.30 -2.48 -2.91
N ASP A 139 -5.08 -2.66 -2.36
CA ASP A 139 -4.61 -3.99 -1.93
C ASP A 139 -4.97 -4.32 -0.51
N GLY A 140 -5.72 -3.47 0.21
CA GLY A 140 -6.12 -3.80 1.60
C GLY A 140 -6.47 -2.53 2.36
N SER A 141 -7.30 -2.73 3.36
CA SER A 141 -7.78 -1.62 4.17
CA SER A 141 -7.80 -1.64 4.17
CA SER A 141 -7.83 -1.67 4.22
C SER A 141 -6.74 -1.04 5.12
N LYS A 142 -5.81 -1.87 5.63
CA LYS A 142 -4.82 -1.31 6.58
C LYS A 142 -3.91 -0.36 5.83
N CYS A 143 -3.61 -0.70 4.56
CA CYS A 143 -2.74 0.19 3.76
C CYS A 143 -3.50 1.47 3.46
N ASP A 144 -4.81 1.35 3.21
CA ASP A 144 -5.60 2.56 2.99
C ASP A 144 -5.70 3.46 4.20
N ILE A 145 -5.83 2.86 5.42
CA ILE A 145 -5.88 3.67 6.62
C ILE A 145 -4.58 4.43 6.79
N ALA A 146 -3.44 3.76 6.57
CA ALA A 146 -2.19 4.52 6.64
C ALA A 146 -2.10 5.67 5.62
N ARG A 147 -2.61 5.43 4.40
CA ARG A 147 -2.56 6.47 3.34
C ARG A 147 -3.55 7.60 3.72
N ILE A 148 -4.69 7.26 4.30
CA ILE A 148 -5.66 8.29 4.77
C ILE A 148 -4.97 9.18 5.82
N GLN A 149 -4.21 8.54 6.72
CA GLN A 149 -3.54 9.29 7.80
C GLN A 149 -2.46 10.25 7.18
N MET A 150 -1.79 9.78 6.15
CA MET A 150 -0.82 10.60 5.38
CA MET A 150 -0.83 10.67 5.51
C MET A 150 -1.55 11.83 4.83
N MET A 151 -2.73 11.60 4.27
CA MET A 151 -3.48 12.64 3.60
C MET A 151 -3.91 13.63 4.65
N PHE A 152 -4.33 13.16 5.81
CA PHE A 152 -4.75 14.11 6.86
C PHE A 152 -3.58 14.90 7.44
N GLY A 153 -2.44 14.24 7.58
CA GLY A 153 -1.26 14.90 8.15
C GLY A 153 -1.28 14.93 9.66
N SER A 154 -0.33 15.63 10.25
CA SER A 154 -0.17 15.61 11.72
C SER A 154 -1.11 16.58 12.46
N LYS A 155 -1.75 17.51 11.78
CA LYS A 155 -2.46 18.58 12.50
C LYS A 155 -3.84 18.18 13.02
N PRO A 156 -4.61 17.35 12.30
CA PRO A 156 -5.92 17.07 12.82
C PRO A 156 -5.97 16.30 14.15
N THR A 157 -6.99 16.61 14.94
CA THR A 157 -7.23 15.84 16.17
C THR A 157 -8.11 14.63 15.84
N VAL A 158 -7.91 13.55 16.61
CA VAL A 158 -8.52 12.24 16.32
CA VAL A 158 -8.61 12.27 16.29
C VAL A 158 -9.38 11.70 17.46
N ALA A 159 -10.54 11.11 17.12
CA ALA A 159 -11.37 10.35 18.11
C ALA A 159 -11.38 8.94 17.53
N VAL A 160 -11.26 7.97 18.42
CA VAL A 160 -11.24 6.55 17.99
CA VAL A 160 -11.25 6.55 17.99
C VAL A 160 -12.21 5.81 18.90
N GLN A 161 -13.01 4.96 18.27
CA GLN A 161 -13.89 4.09 19.00
C GLN A 161 -12.95 3.21 19.86
N ASP A 162 -13.38 2.88 21.09
CA ASP A 162 -12.58 2.09 22.01
C ASP A 162 -13.48 1.04 22.68
N PRO A 163 -13.11 -0.22 22.62
CA PRO A 163 -11.96 -0.73 21.90
C PRO A 163 -12.10 -0.75 20.35
N SER A 164 -10.96 -0.85 19.69
CA SER A 164 -10.98 -1.08 18.26
C SER A 164 -9.64 -1.66 17.79
N TYR A 165 -9.71 -2.22 16.59
CA TYR A 165 -8.50 -2.77 15.96
C TYR A 165 -7.40 -1.64 16.05
N PRO A 166 -6.18 -2.01 16.45
CA PRO A 166 -5.25 -0.98 16.87
C PRO A 166 -4.57 -0.17 15.76
N VAL A 167 -4.92 -0.44 14.51
CA VAL A 167 -4.28 0.31 13.40
C VAL A 167 -4.65 1.80 13.52
N TYR A 168 -5.88 2.14 14.00
CA TYR A 168 -6.27 3.55 13.93
C TYR A 168 -5.47 4.39 14.93
N VAL A 169 -5.29 3.86 16.17
CA VAL A 169 -4.45 4.55 17.15
C VAL A 169 -3.00 4.57 16.69
N ASP A 170 -2.49 3.42 16.27
CA ASP A 170 -1.01 3.36 16.04
C ASP A 170 -0.60 4.24 14.83
N THR A 171 -1.43 4.27 13.78
CA THR A 171 -1.12 5.13 12.63
C THR A 171 -1.29 6.62 13.00
N SER A 172 -2.27 6.93 13.84
CA SER A 172 -2.43 8.31 14.33
C SER A 172 -1.13 8.74 15.08
N VAL A 173 -0.62 7.85 15.92
CA VAL A 173 0.59 8.16 16.70
C VAL A 173 1.78 8.35 15.74
N MET A 174 1.95 7.41 14.80
CA MET A 174 3.08 7.48 13.83
C MET A 174 3.03 8.78 13.02
N MET A 175 1.82 9.28 12.71
CA MET A 175 1.68 10.46 11.84
C MET A 175 1.87 11.74 12.63
N GLY A 176 1.98 11.62 13.95
CA GLY A 176 2.25 12.81 14.83
C GLY A 176 0.98 13.52 15.27
N MET A 177 -0.13 12.81 15.19
CA MET A 177 -1.45 13.44 15.52
C MET A 177 -1.73 13.47 17.01
N THR A 178 -0.87 12.89 17.82
CA THR A 178 -1.18 12.66 19.25
C THR A 178 -0.05 13.19 20.15
N GLY A 179 -0.27 13.13 21.46
CA GLY A 179 0.83 13.33 22.43
C GLY A 179 1.42 11.96 22.82
N ASP A 180 2.05 11.92 23.98
CA ASP A 180 2.78 10.74 24.47
C ASP A 180 1.82 9.75 25.11
N HIS A 181 2.24 8.50 25.25
CA HIS A 181 1.44 7.56 26.01
C HIS A 181 1.37 7.99 27.50
N ASN A 182 0.25 7.78 28.16
CA ASN A 182 0.08 8.28 29.53
C ASN A 182 -0.13 7.18 30.54
N GLY A 183 0.11 5.94 30.13
CA GLY A 183 -0.05 4.85 31.05
C GLY A 183 -1.24 4.00 30.73
N THR A 184 -2.34 4.64 30.34
CA THR A 184 -3.55 3.92 29.86
C THR A 184 -3.69 3.99 28.31
N GLY A 185 -3.59 5.21 27.77
CA GLY A 185 -3.71 5.42 26.26
C GLY A 185 -2.79 6.57 25.86
N PHE A 186 -2.96 7.09 24.67
CA PHE A 186 -2.18 8.21 24.25
C PHE A 186 -2.88 9.50 24.54
N ASP A 187 -2.12 10.48 25.05
CA ASP A 187 -2.66 11.85 25.18
C ASP A 187 -3.07 12.37 23.81
N GLY A 188 -4.13 13.15 23.77
CA GLY A 188 -4.53 13.79 22.54
C GLY A 188 -5.49 12.95 21.68
N ILE A 189 -5.78 11.71 22.06
CA ILE A 189 -6.79 10.86 21.39
C ILE A 189 -8.06 10.90 22.22
N GLU A 190 -9.18 11.22 21.59
CA GLU A 190 -10.49 11.12 22.24
CA GLU A 190 -10.46 11.10 22.27
C GLU A 190 -11.00 9.68 22.07
N TYR A 191 -10.91 8.88 23.15
CA TYR A 191 -11.41 7.51 23.07
C TYR A 191 -12.92 7.54 23.29
N MET A 192 -13.65 6.92 22.34
CA MET A 192 -15.11 6.90 22.42
C MET A 192 -15.51 5.51 22.88
N VAL A 193 -15.76 5.39 24.16
CA VAL A 193 -15.85 4.07 24.82
C VAL A 193 -17.19 3.40 24.56
N CYS A 194 -17.11 2.15 24.12
CA CYS A 194 -18.28 1.31 23.85
C CYS A 194 -18.14 0.10 24.78
N ASN A 195 -19.17 -0.17 25.55
CA ASN A 195 -19.13 -1.28 26.50
C ASN A 195 -20.51 -1.88 26.66
N PRO A 196 -20.62 -2.95 27.42
CA PRO A 196 -21.96 -3.57 27.57
C PRO A 196 -22.99 -2.61 28.15
N ASP A 197 -22.56 -1.83 29.13
CA ASP A 197 -23.55 -0.90 29.76
C ASP A 197 -24.09 0.22 28.88
N ASN A 198 -23.33 0.62 27.83
CA ASN A 198 -23.89 1.58 26.91
C ASN A 198 -24.33 0.95 25.58
N HIS A 199 -24.52 -0.39 25.58
CA HIS A 199 -25.00 -1.09 24.37
C HIS A 199 -24.03 -0.85 23.23
N PHE A 200 -22.77 -0.72 23.60
CA PHE A 200 -21.65 -0.61 22.63
C PHE A 200 -21.81 0.59 21.70
N PHE A 201 -22.12 1.72 22.30
CA PHE A 201 -22.20 2.92 21.54
C PHE A 201 -21.91 4.06 22.47
N PRO A 202 -21.01 4.96 22.06
CA PRO A 202 -20.57 5.97 23.03
C PRO A 202 -21.60 7.02 23.34
N ASP A 203 -21.35 7.68 24.46
CA ASP A 203 -22.22 8.76 24.89
C ASP A 203 -21.80 10.02 24.10
N LEU A 204 -22.42 10.24 22.95
CA LEU A 204 -22.01 11.37 22.09
C LEU A 204 -22.28 12.75 22.73
N SER A 205 -23.23 12.82 23.67
CA SER A 205 -23.53 14.10 24.36
C SER A 205 -22.32 14.57 25.16
N LYS A 206 -21.44 13.64 25.53
CA LYS A 206 -20.26 13.96 26.31
C LYS A 206 -18.93 13.85 25.55
N ALA A 207 -18.99 13.47 24.28
CA ALA A 207 -17.77 13.26 23.53
C ALA A 207 -17.20 14.58 23.13
N LYS A 208 -15.90 14.73 23.27
CA LYS A 208 -15.26 15.95 22.86
CA LYS A 208 -15.20 15.94 22.85
C LYS A 208 -15.20 16.03 21.31
N ARG A 209 -15.33 17.24 20.79
CA ARG A 209 -15.19 17.48 19.35
C ARG A 209 -13.73 17.23 18.84
N THR A 210 -13.60 16.51 17.74
CA THR A 210 -12.31 16.36 17.09
C THR A 210 -12.48 16.57 15.59
N ASP A 211 -11.35 16.61 14.88
CA ASP A 211 -11.39 16.75 13.39
C ASP A 211 -11.81 15.47 12.70
N ILE A 212 -11.26 14.35 13.21
CA ILE A 212 -11.50 13.05 12.56
C ILE A 212 -12.13 12.11 13.62
N ILE A 213 -13.03 11.25 13.15
CA ILE A 213 -13.64 10.22 14.01
C ILE A 213 -13.48 8.91 13.27
N PHE A 214 -12.80 7.93 13.93
CA PHE A 214 -12.71 6.57 13.37
C PHE A 214 -13.74 5.68 14.06
N PHE A 215 -14.59 5.05 13.26
CA PHE A 215 -15.65 4.20 13.85
C PHE A 215 -15.80 2.98 12.93
N CYS A 216 -16.03 1.85 13.56
CA CYS A 216 -16.16 0.59 12.80
CA CYS A 216 -16.09 0.55 12.89
C CYS A 216 -17.46 -0.10 13.14
N SER A 217 -18.10 -0.67 12.11
CA SER A 217 -19.33 -1.42 12.36
C SER A 217 -19.46 -2.50 11.27
N PRO A 218 -19.44 -3.77 11.67
CA PRO A 218 -19.33 -4.28 13.03
C PRO A 218 -17.94 -3.95 13.61
N ASN A 219 -17.88 -3.66 14.91
CA ASN A 219 -16.62 -3.32 15.50
C ASN A 219 -15.83 -4.59 15.67
N ASN A 220 -14.54 -4.46 15.44
CA ASN A 220 -13.54 -5.48 15.81
C ASN A 220 -12.84 -4.81 16.97
N PRO A 221 -12.98 -5.36 18.23
CA PRO A 221 -13.22 -6.76 18.54
C PRO A 221 -14.58 -7.06 19.16
N THR A 222 -15.40 -6.05 19.40
CA THR A 222 -16.61 -6.33 20.22
C THR A 222 -17.68 -7.10 19.42
N GLY A 223 -17.70 -6.93 18.09
CA GLY A 223 -18.69 -7.60 17.28
C GLY A 223 -19.93 -6.74 17.11
N ALA A 224 -19.97 -5.58 17.76
CA ALA A 224 -21.19 -4.81 17.77
C ALA A 224 -21.45 -4.17 16.42
N ALA A 225 -22.66 -4.37 15.92
CA ALA A 225 -23.13 -3.74 14.67
C ALA A 225 -24.05 -2.62 15.11
N ALA A 226 -23.64 -1.37 14.84
CA ALA A 226 -24.47 -0.20 15.22
C ALA A 226 -25.83 -0.20 14.50
N THR A 227 -26.86 0.19 15.23
CA THR A 227 -28.18 0.26 14.65
C THR A 227 -28.35 1.50 13.78
N ARG A 228 -29.47 1.53 13.10
CA ARG A 228 -29.77 2.63 12.17
C ARG A 228 -29.86 3.90 13.03
N ALA A 229 -30.54 3.80 14.17
CA ALA A 229 -30.69 4.99 15.05
C ALA A 229 -29.36 5.46 15.59
N GLN A 230 -28.48 4.52 15.98
CA GLN A 230 -27.17 4.91 16.46
C GLN A 230 -26.37 5.59 15.36
N LEU A 231 -26.35 5.01 14.16
CA LEU A 231 -25.54 5.60 13.07
C LEU A 231 -26.11 6.97 12.66
N THR A 232 -27.44 7.13 12.75
CA THR A 232 -28.00 8.44 12.54
C THR A 232 -27.46 9.46 13.56
N GLU A 233 -27.41 9.07 14.84
CA GLU A 233 -26.80 9.93 15.84
C GLU A 233 -25.31 10.20 15.49
N LEU A 234 -24.56 9.20 15.05
CA LEU A 234 -23.12 9.41 14.75
C LEU A 234 -22.96 10.41 13.59
N VAL A 235 -23.80 10.27 12.57
CA VAL A 235 -23.68 11.12 11.38
C VAL A 235 -24.07 12.55 11.79
N ASN A 236 -25.12 12.64 12.63
CA ASN A 236 -25.53 13.97 13.07
C ASN A 236 -24.45 14.65 13.89
N PHE A 237 -23.79 13.89 14.76
CA PHE A 237 -22.71 14.40 15.59
C PHE A 237 -21.53 14.85 14.72
N ALA A 238 -21.17 14.03 13.73
CA ALA A 238 -20.09 14.45 12.83
C ALA A 238 -20.45 15.73 12.06
N ARG A 239 -21.67 15.81 11.60
CA ARG A 239 -22.09 16.99 10.80
C ARG A 239 -22.09 18.25 11.71
N LYS A 240 -22.64 18.12 12.92
CA LYS A 240 -22.73 19.26 13.85
C LYS A 240 -21.29 19.75 14.18
N ASN A 241 -20.37 18.77 14.38
CA ASN A 241 -18.99 19.12 14.75
C ASN A 241 -18.06 19.46 13.60
N GLY A 242 -18.54 19.25 12.36
CA GLY A 242 -17.70 19.56 11.19
C GLY A 242 -16.56 18.54 11.09
N SER A 243 -16.81 17.27 11.49
CA SER A 243 -15.73 16.27 11.50
C SER A 243 -15.84 15.36 10.30
N ILE A 244 -14.69 14.80 9.94
CA ILE A 244 -14.66 13.73 8.95
C ILE A 244 -14.77 12.42 9.68
N LEU A 245 -15.70 11.58 9.22
CA LEU A 245 -15.93 10.23 9.81
C LEU A 245 -15.28 9.20 8.86
N VAL A 246 -14.32 8.48 9.39
CA VAL A 246 -13.76 7.36 8.64
C VAL A 246 -14.38 6.09 9.21
N TYR A 247 -15.15 5.43 8.36
CA TYR A 247 -16.04 4.36 8.78
C TYR A 247 -15.57 3.05 8.18
N ASP A 248 -15.22 2.11 9.10
CA ASP A 248 -14.73 0.82 8.68
C ASP A 248 -15.88 -0.18 8.67
N ALA A 249 -16.19 -0.63 7.47
CA ALA A 249 -17.25 -1.61 7.24
C ALA A 249 -16.71 -2.94 6.84
N ALA A 250 -15.46 -3.23 7.24
CA ALA A 250 -14.86 -4.52 6.80
C ALA A 250 -15.73 -5.76 7.03
N TYR A 251 -16.35 -5.85 8.22
CA TYR A 251 -17.12 -7.02 8.57
C TYR A 251 -18.61 -6.94 8.22
N ALA A 252 -19.01 -5.92 7.45
CA ALA A 252 -20.46 -5.72 7.20
C ALA A 252 -21.10 -6.88 6.43
N LEU A 253 -20.29 -7.66 5.69
CA LEU A 253 -20.84 -8.86 5.03
C LEU A 253 -21.50 -9.80 6.04
N TYR A 254 -21.06 -9.73 7.32
CA TYR A 254 -21.55 -10.67 8.35
C TYR A 254 -22.72 -10.19 9.11
N ILE A 255 -23.17 -8.97 8.81
CA ILE A 255 -24.40 -8.46 9.52
C ILE A 255 -25.66 -9.23 9.07
N SER A 256 -26.42 -9.74 10.06
CA SER A 256 -27.73 -10.42 9.93
CA SER A 256 -27.71 -10.30 9.69
C SER A 256 -28.88 -9.51 10.31
N ASN A 257 -28.65 -8.60 11.23
CA ASN A 257 -29.79 -7.84 11.75
C ASN A 257 -30.19 -6.76 10.77
N PRO A 258 -31.44 -6.76 10.30
CA PRO A 258 -31.87 -5.74 9.31
C PRO A 258 -31.89 -4.31 9.82
N ASP A 259 -31.83 -4.11 11.13
CA ASP A 259 -31.77 -2.78 11.77
C ASP A 259 -30.38 -2.22 11.80
N CYS A 260 -29.37 -2.98 11.31
CA CYS A 260 -27.95 -2.56 11.40
C CYS A 260 -27.40 -2.32 10.00
N PRO A 261 -27.25 -1.05 9.60
CA PRO A 261 -26.80 -0.78 8.21
C PRO A 261 -25.45 -1.45 7.86
N LYS A 262 -25.34 -1.87 6.60
CA LYS A 262 -24.07 -2.48 6.14
C LYS A 262 -23.13 -1.40 5.58
N THR A 263 -23.63 -0.18 5.39
CA THR A 263 -22.77 0.93 5.01
C THR A 263 -23.30 2.18 5.66
N ILE A 264 -22.37 3.03 6.07
CA ILE A 264 -22.75 4.35 6.59
C ILE A 264 -23.60 5.16 5.61
N TYR A 265 -23.46 4.90 4.30
CA TYR A 265 -24.19 5.69 3.32
C TYR A 265 -25.68 5.37 3.26
N GLU A 266 -26.13 4.37 4.05
CA GLU A 266 -27.57 4.21 4.26
C GLU A 266 -28.16 5.36 5.08
N ILE A 267 -27.32 6.12 5.74
CA ILE A 267 -27.81 7.23 6.56
C ILE A 267 -27.80 8.49 5.74
N PRO A 268 -28.99 9.12 5.55
CA PRO A 268 -29.07 10.39 4.81
C PRO A 268 -28.11 11.43 5.35
N GLY A 269 -27.29 12.01 4.46
CA GLY A 269 -26.34 13.07 4.89
C GLY A 269 -24.91 12.57 5.17
N ALA A 270 -24.72 11.24 5.19
CA ALA A 270 -23.40 10.70 5.46
C ALA A 270 -22.41 11.01 4.34
N ASP A 271 -22.90 11.22 3.11
CA ASP A 271 -22.02 11.56 2.02
C ASP A 271 -21.26 12.87 2.21
N GLU A 272 -21.75 13.75 3.08
CA GLU A 272 -21.09 14.99 3.32
C GLU A 272 -20.00 14.92 4.39
N VAL A 273 -19.86 13.78 5.10
CA VAL A 273 -18.88 13.66 6.17
C VAL A 273 -18.07 12.40 6.16
N ALA A 274 -18.51 11.38 5.43
CA ALA A 274 -17.88 10.06 5.64
C ALA A 274 -17.10 9.50 4.48
N ILE A 275 -15.96 8.89 4.88
CA ILE A 275 -15.17 8.02 3.98
C ILE A 275 -15.39 6.60 4.52
N GLU A 276 -15.63 5.64 3.63
CA GLU A 276 -15.78 4.26 4.11
C GLU A 276 -14.63 3.40 3.62
N THR A 277 -14.13 2.49 4.48
CA THR A 277 -13.11 1.53 4.06
C THR A 277 -13.72 0.15 4.20
N CYS A 278 -13.41 -0.69 3.24
CA CYS A 278 -13.91 -2.06 3.19
C CYS A 278 -12.78 -3.03 2.76
N SER A 279 -12.92 -4.31 3.08
CA SER A 279 -11.84 -5.31 2.82
C SER A 279 -12.48 -6.57 2.24
N PHE A 280 -11.88 -7.14 1.19
CA PHE A 280 -12.21 -8.48 0.76
C PHE A 280 -10.93 -9.31 1.00
N SER A 281 -10.12 -8.94 1.97
CA SER A 281 -8.86 -9.64 2.20
C SER A 281 -9.05 -10.79 3.18
N LYS A 282 -7.92 -11.47 3.43
CA LYS A 282 -7.93 -12.51 4.48
C LYS A 282 -8.51 -11.96 5.81
N TYR A 283 -8.25 -10.70 6.12
CA TYR A 283 -8.84 -10.05 7.31
C TYR A 283 -10.38 -10.26 7.37
N ALA A 284 -11.05 -10.18 6.21
CA ALA A 284 -12.53 -10.33 6.14
C ALA A 284 -12.96 -11.77 5.90
N GLY A 285 -12.00 -12.71 5.81
CA GLY A 285 -12.34 -14.12 5.71
C GLY A 285 -11.88 -14.80 4.47
N PHE A 286 -11.21 -14.07 3.53
CA PHE A 286 -10.93 -14.62 2.16
C PHE A 286 -9.45 -15.02 2.05
N THR A 287 -9.21 -16.35 2.11
CA THR A 287 -7.84 -16.86 2.05
C THR A 287 -7.17 -16.38 0.77
N GLY A 288 -5.96 -15.87 0.97
CA GLY A 288 -5.08 -15.54 -0.18
C GLY A 288 -5.27 -14.11 -0.71
N VAL A 289 -6.36 -13.46 -0.32
CA VAL A 289 -6.72 -12.25 -1.04
C VAL A 289 -6.15 -11.02 -0.25
N ARG A 290 -5.65 -10.06 -1.05
CA ARG A 290 -5.22 -8.73 -0.56
C ARG A 290 -5.95 -7.75 -1.46
N LEU A 291 -7.08 -7.27 -0.97
CA LEU A 291 -7.98 -6.45 -1.79
C LEU A 291 -8.87 -5.70 -0.87
N GLY A 292 -9.09 -4.40 -1.15
CA GLY A 292 -10.04 -3.60 -0.40
C GLY A 292 -10.47 -2.44 -1.26
N TRP A 293 -11.31 -1.60 -0.69
CA TRP A 293 -11.64 -0.33 -1.37
C TRP A 293 -11.97 0.71 -0.33
N THR A 294 -11.92 1.91 -0.81
CA THR A 294 -12.39 3.08 -0.06
CA THR A 294 -12.34 3.08 -0.08
C THR A 294 -13.45 3.78 -0.90
N VAL A 295 -14.36 4.44 -0.20
CA VAL A 295 -15.33 5.34 -0.84
C VAL A 295 -15.01 6.73 -0.38
N VAL A 296 -14.79 7.63 -1.33
CA VAL A 296 -14.65 9.05 -0.99
C VAL A 296 -15.71 9.78 -1.83
N PRO A 297 -16.79 10.19 -1.19
CA PRO A 297 -17.83 10.85 -2.01
C PRO A 297 -17.32 12.14 -2.63
N LYS A 298 -17.84 12.46 -3.82
CA LYS A 298 -17.56 13.77 -4.42
C LYS A 298 -18.05 14.93 -3.56
N ALA A 299 -19.07 14.68 -2.71
CA ALA A 299 -19.69 15.69 -1.88
C ALA A 299 -18.76 16.19 -0.76
N LEU A 300 -17.77 15.36 -0.37
CA LEU A 300 -16.99 15.62 0.84
C LEU A 300 -15.93 16.70 0.56
N LYS A 301 -16.03 17.82 1.25
CA LYS A 301 -15.15 18.97 0.96
C LYS A 301 -14.54 19.50 2.25
N TYR A 302 -13.23 19.83 2.20
CA TYR A 302 -12.57 20.49 3.34
C TYR A 302 -13.18 21.88 3.57
N ALA A 303 -12.78 22.48 4.69
CA ALA A 303 -13.39 23.72 5.18
C ALA A 303 -13.44 24.80 4.10
N ASN A 304 -12.37 24.97 3.34
CA ASN A 304 -12.40 26.07 2.32
C ASN A 304 -12.89 25.62 0.92
N GLY A 305 -13.43 24.39 0.82
CA GLY A 305 -14.16 23.92 -0.35
C GLY A 305 -13.46 22.95 -1.20
N GLU A 306 -12.20 22.63 -0.84
CA GLU A 306 -11.45 21.72 -1.74
C GLU A 306 -11.97 20.28 -1.56
N PRO A 307 -12.18 19.57 -2.66
CA PRO A 307 -12.70 18.18 -2.53
C PRO A 307 -11.71 17.20 -1.97
N VAL A 308 -12.16 16.43 -1.00
CA VAL A 308 -11.27 15.44 -0.39
C VAL A 308 -10.98 14.39 -1.48
N HIS A 309 -11.95 14.11 -2.38
CA HIS A 309 -11.72 13.10 -3.48
C HIS A 309 -10.47 13.42 -4.33
N ALA A 310 -10.22 14.72 -4.54
CA ALA A 310 -9.08 15.06 -5.39
C ALA A 310 -7.74 14.71 -4.63
N ASP A 311 -7.67 15.05 -3.31
CA ASP A 311 -6.42 14.72 -2.58
C ASP A 311 -6.28 13.23 -2.41
N TRP A 312 -7.41 12.53 -2.25
CA TRP A 312 -7.28 11.06 -2.11
C TRP A 312 -6.80 10.44 -3.45
N ASN A 313 -7.33 10.96 -4.54
CA ASN A 313 -6.88 10.47 -5.84
C ASN A 313 -5.35 10.77 -6.01
N ARG A 314 -4.91 11.91 -5.50
CA ARG A 314 -3.46 12.23 -5.60
C ARG A 314 -2.70 11.19 -4.78
N VAL A 315 -3.17 10.94 -3.56
CA VAL A 315 -2.45 9.89 -2.80
C VAL A 315 -2.43 8.53 -3.51
N MET A 316 -3.58 8.10 -3.99
CA MET A 316 -3.69 6.77 -4.58
C MET A 316 -2.91 6.66 -5.86
N THR A 317 -2.67 7.76 -6.56
CA THR A 317 -1.85 7.67 -7.80
C THR A 317 -0.37 7.93 -7.59
N THR A 318 -0.02 8.52 -6.45
CA THR A 318 1.38 8.82 -6.15
C THR A 318 2.04 7.80 -5.21
N CYS A 319 1.27 7.39 -4.21
CA CYS A 319 1.77 6.53 -3.15
C CYS A 319 1.37 5.09 -3.32
N PHE A 320 0.78 4.72 -4.43
CA PHE A 320 0.30 3.37 -4.64
C PHE A 320 0.44 3.10 -6.10
N ASN A 321 0.50 1.82 -6.47
CA ASN A 321 0.78 1.42 -7.83
C ASN A 321 -0.36 0.61 -8.44
N GLY A 322 -1.55 0.67 -7.85
CA GLY A 322 -2.72 0.04 -8.38
C GLY A 322 -2.86 -1.43 -8.01
N ALA A 323 -4.04 -1.86 -7.64
CA ALA A 323 -4.24 -3.22 -7.17
C ALA A 323 -3.99 -4.14 -8.35
N SER A 324 -3.37 -5.27 -8.06
CA SER A 324 -3.15 -6.20 -9.18
C SER A 324 -4.43 -6.55 -9.90
N ASN A 325 -4.32 -6.76 -11.19
CA ASN A 325 -5.47 -7.21 -11.97
C ASN A 325 -5.79 -8.67 -11.73
N ILE A 326 -4.84 -9.43 -11.13
CA ILE A 326 -5.21 -10.80 -10.67
C ILE A 326 -6.23 -10.70 -9.52
N VAL A 327 -5.94 -9.84 -8.52
CA VAL A 327 -6.82 -9.87 -7.38
C VAL A 327 -8.11 -9.13 -7.81
N GLN A 328 -8.02 -8.13 -8.71
CA GLN A 328 -9.30 -7.47 -9.14
C GLN A 328 -10.18 -8.43 -9.93
N ALA A 329 -9.60 -9.38 -10.66
CA ALA A 329 -10.43 -10.38 -11.32
C ALA A 329 -11.18 -11.26 -10.28
N GLY A 330 -10.48 -11.54 -9.16
CA GLY A 330 -11.10 -12.27 -8.02
C GLY A 330 -12.27 -11.47 -7.46
N GLY A 331 -12.01 -10.18 -7.26
CA GLY A 331 -13.07 -9.30 -6.65
C GLY A 331 -14.30 -9.30 -7.56
N LEU A 332 -14.04 -9.16 -8.86
CA LEU A 332 -15.18 -9.08 -9.81
C LEU A 332 -15.96 -10.42 -9.82
N ALA A 333 -15.24 -11.55 -9.75
CA ALA A 333 -15.90 -12.85 -9.74
C ALA A 333 -16.70 -13.02 -8.48
N CYS A 334 -16.23 -12.51 -7.33
CA CYS A 334 -16.97 -12.63 -6.07
C CYS A 334 -18.35 -11.98 -6.17
N LEU A 335 -18.47 -10.95 -7.03
CA LEU A 335 -19.74 -10.15 -7.15
C LEU A 335 -20.66 -10.67 -8.24
N GLN A 336 -20.21 -11.72 -8.98
CA GLN A 336 -21.13 -12.36 -9.93
C GLN A 336 -22.02 -13.34 -9.22
N PRO A 337 -23.12 -13.79 -9.86
CA PRO A 337 -24.06 -14.64 -9.12
C PRO A 337 -23.47 -15.87 -8.42
N GLU A 338 -22.59 -16.62 -9.13
CA GLU A 338 -21.97 -17.78 -8.49
C GLU A 338 -21.01 -17.40 -7.36
N GLY A 339 -20.27 -16.30 -7.56
CA GLY A 339 -19.33 -15.76 -6.51
C GLY A 339 -20.15 -15.44 -5.27
N LEU A 340 -21.28 -14.76 -5.43
CA LEU A 340 -22.05 -14.35 -4.27
C LEU A 340 -22.65 -15.52 -3.52
N LYS A 341 -23.04 -16.56 -4.29
CA LYS A 341 -23.61 -17.74 -3.70
C LYS A 341 -22.52 -18.42 -2.84
N GLU A 342 -21.33 -18.54 -3.40
CA GLU A 342 -20.26 -19.20 -2.64
C GLU A 342 -19.74 -18.35 -1.46
N MET A 343 -19.63 -17.02 -1.67
CA MET A 343 -19.29 -16.11 -0.59
C MET A 343 -20.33 -16.18 0.55
N ASN A 344 -21.61 -16.18 0.21
CA ASN A 344 -22.65 -16.29 1.23
C ASN A 344 -22.58 -17.60 2.03
N ALA A 345 -22.27 -18.69 1.34
CA ALA A 345 -22.08 -19.98 2.05
C ALA A 345 -20.90 -19.91 2.99
N MET A 346 -19.82 -19.20 2.59
CA MET A 346 -18.63 -19.06 3.44
CA MET A 346 -18.67 -19.12 3.48
C MET A 346 -18.97 -18.22 4.70
N ILE A 347 -19.72 -17.14 4.48
CA ILE A 347 -20.08 -16.27 5.60
C ILE A 347 -20.96 -17.08 6.55
N LYS A 348 -21.88 -17.90 6.02
CA LYS A 348 -22.82 -18.66 6.85
C LYS A 348 -22.03 -19.68 7.70
N PHE A 349 -21.02 -20.31 7.07
CA PHE A 349 -20.14 -21.22 7.81
C PHE A 349 -19.39 -20.57 8.98
N TYR A 350 -18.75 -19.42 8.72
CA TYR A 350 -18.04 -18.75 9.80
C TYR A 350 -19.01 -18.28 10.89
N LYS A 351 -20.22 -17.85 10.50
CA LYS A 351 -21.17 -17.40 11.53
C LYS A 351 -21.63 -18.59 12.37
N GLU A 352 -21.78 -19.79 11.74
CA GLU A 352 -22.06 -20.98 12.57
C GLU A 352 -20.94 -21.30 13.56
N ASN A 353 -19.70 -21.18 13.11
CA ASN A 353 -18.57 -21.32 14.02
C ASN A 353 -18.67 -20.33 15.18
N ALA A 354 -18.98 -19.06 14.88
CA ALA A 354 -19.06 -18.03 15.93
C ALA A 354 -20.20 -18.42 16.94
N GLN A 355 -21.31 -18.93 16.43
CA GLN A 355 -22.43 -19.32 17.35
C GLN A 355 -22.06 -20.51 18.23
N ILE A 356 -21.30 -21.46 17.67
CA ILE A 356 -20.80 -22.62 18.42
C ILE A 356 -19.92 -22.13 19.58
N LEU A 357 -19.03 -21.16 19.28
CA LEU A 357 -18.15 -20.59 20.34
C LEU A 357 -19.00 -19.85 21.35
N LYS A 358 -19.94 -19.05 20.83
CA LYS A 358 -20.68 -18.16 21.73
C LYS A 358 -21.51 -18.99 22.73
N THR A 359 -22.20 -20.02 22.22
CA THR A 359 -23.06 -20.91 23.01
CA THR A 359 -23.07 -20.77 23.09
C THR A 359 -22.25 -21.60 24.06
N THR A 360 -21.06 -22.02 23.67
CA THR A 360 -20.19 -22.74 24.62
C THR A 360 -19.94 -21.85 25.85
N PHE A 361 -19.54 -20.59 25.63
CA PHE A 361 -19.22 -19.68 26.73
C PHE A 361 -20.47 -19.29 27.48
N THR A 362 -21.58 -19.02 26.81
CA THR A 362 -22.75 -18.63 27.56
C THR A 362 -23.29 -19.75 28.43
N GLU A 363 -23.15 -20.97 27.98
CA GLU A 363 -23.63 -22.13 28.78
C GLU A 363 -22.78 -22.30 30.02
N MET A 364 -21.49 -21.92 29.96
CA MET A 364 -20.58 -21.92 31.14
C MET A 364 -20.76 -20.68 32.04
N GLY A 365 -21.69 -19.79 31.69
CA GLY A 365 -21.97 -18.62 32.56
C GLY A 365 -21.24 -17.34 32.26
N PHE A 366 -20.46 -17.37 31.15
CA PHE A 366 -19.73 -16.15 30.77
C PHE A 366 -20.66 -15.20 30.08
N SER A 367 -20.34 -13.91 30.21
CA SER A 367 -21.00 -12.88 29.37
C SER A 367 -20.25 -12.81 28.06
N VAL A 368 -20.98 -12.92 26.96
CA VAL A 368 -20.34 -13.06 25.64
C VAL A 368 -21.10 -12.06 24.75
N TYR A 369 -20.35 -11.39 23.93
CA TYR A 369 -20.87 -10.46 22.98
C TYR A 369 -20.31 -10.81 21.58
N GLY A 370 -20.96 -10.25 20.57
CA GLY A 370 -20.55 -10.53 19.20
C GLY A 370 -21.12 -11.84 18.76
N GLY A 371 -20.58 -12.38 17.69
CA GLY A 371 -21.01 -13.65 17.10
C GLY A 371 -22.25 -13.50 16.22
N ASP A 372 -23.13 -12.58 16.48
CA ASP A 372 -24.37 -12.53 15.70
C ASP A 372 -24.23 -11.78 14.37
N ASP A 373 -23.38 -10.73 14.38
CA ASP A 373 -23.17 -9.94 13.18
C ASP A 373 -21.69 -9.85 12.82
N ALA A 374 -20.89 -10.75 13.35
CA ALA A 374 -19.44 -10.71 13.13
C ALA A 374 -18.83 -12.09 13.38
N PRO A 375 -17.73 -12.40 12.68
CA PRO A 375 -17.15 -13.74 12.81
C PRO A 375 -16.08 -13.91 13.93
N TYR A 376 -16.47 -13.43 15.11
CA TYR A 376 -15.63 -13.52 16.31
C TYR A 376 -16.52 -13.19 17.48
N ILE A 377 -16.07 -13.63 18.63
CA ILE A 377 -16.80 -13.34 19.86
C ILE A 377 -15.91 -12.55 20.82
N TRP A 378 -16.53 -11.97 21.81
CA TRP A 378 -15.88 -11.02 22.72
C TRP A 378 -16.38 -11.46 24.13
N VAL A 379 -15.46 -12.04 24.92
CA VAL A 379 -15.91 -12.75 26.15
C VAL A 379 -15.39 -11.98 27.35
N GLY A 380 -16.25 -11.75 28.35
CA GLY A 380 -15.83 -11.06 29.58
C GLY A 380 -15.07 -12.01 30.52
N PHE A 381 -13.89 -11.54 30.91
CA PHE A 381 -13.04 -12.18 31.95
C PHE A 381 -12.71 -11.09 32.99
N PRO A 382 -13.76 -10.65 33.73
CA PRO A 382 -13.53 -9.59 34.67
C PRO A 382 -12.56 -10.02 35.77
N GLY A 383 -11.76 -9.03 36.17
CA GLY A 383 -10.94 -9.10 37.39
C GLY A 383 -9.53 -9.59 37.15
N LYS A 384 -9.19 -10.05 35.93
CA LYS A 384 -7.84 -10.45 35.59
C LYS A 384 -7.35 -9.71 34.35
N PRO A 385 -6.06 -9.33 34.31
CA PRO A 385 -5.62 -8.63 33.07
C PRO A 385 -5.80 -9.57 31.86
N SER A 386 -6.27 -8.99 30.75
CA SER A 386 -6.54 -9.86 29.58
C SER A 386 -5.26 -10.53 29.02
N TRP A 387 -4.10 -9.88 29.15
CA TRP A 387 -2.86 -10.60 28.76
C TRP A 387 -2.60 -11.83 29.62
N ASP A 388 -3.02 -11.78 30.89
CA ASP A 388 -2.89 -12.99 31.77
C ASP A 388 -3.89 -14.03 31.41
N VAL A 389 -5.10 -13.62 30.98
CA VAL A 389 -6.09 -14.60 30.53
C VAL A 389 -5.56 -15.23 29.23
N PHE A 390 -5.04 -14.38 28.30
CA PHE A 390 -4.40 -14.95 27.08
C PHE A 390 -3.37 -16.06 27.40
N ALA A 391 -2.50 -15.81 28.36
CA ALA A 391 -1.44 -16.72 28.72
C ALA A 391 -2.06 -17.98 29.34
N GLU A 392 -3.08 -17.78 30.19
CA GLU A 392 -3.72 -18.91 30.87
C GLU A 392 -4.43 -19.87 29.87
N ILE A 393 -5.15 -19.27 28.91
CA ILE A 393 -5.85 -20.07 27.89
C ILE A 393 -4.81 -20.82 27.03
N LEU A 394 -3.74 -20.14 26.64
CA LEU A 394 -2.73 -20.80 25.83
C LEU A 394 -2.07 -21.94 26.64
N GLU A 395 -1.82 -21.72 27.95
CA GLU A 395 -1.11 -22.77 28.76
C GLU A 395 -2.06 -23.92 29.08
N ARG A 396 -3.31 -23.59 29.46
CA ARG A 396 -4.23 -24.66 29.91
C ARG A 396 -4.92 -25.42 28.79
N CYS A 397 -5.25 -24.71 27.68
CA CYS A 397 -6.02 -25.26 26.60
C CYS A 397 -5.27 -25.37 25.29
N ASN A 398 -4.06 -24.82 25.20
CA ASN A 398 -3.32 -24.76 23.92
C ASN A 398 -4.18 -24.11 22.84
N ILE A 399 -4.84 -23.05 23.28
CA ILE A 399 -5.65 -22.21 22.36
C ILE A 399 -5.14 -20.78 22.37
N VAL A 400 -4.97 -20.23 21.16
CA VAL A 400 -4.59 -18.82 21.01
C VAL A 400 -5.87 -17.98 20.90
N THR A 401 -5.91 -16.92 21.70
CA THR A 401 -6.98 -15.92 21.59
C THR A 401 -6.28 -14.55 21.41
N THR A 402 -7.03 -13.44 21.49
CA THR A 402 -6.31 -12.15 21.57
C THR A 402 -6.83 -11.37 22.79
N PRO A 403 -5.91 -10.74 23.51
CA PRO A 403 -6.32 -10.03 24.73
C PRO A 403 -6.99 -8.68 24.42
N GLY A 404 -8.09 -8.43 25.14
CA GLY A 404 -8.87 -7.21 24.82
C GLY A 404 -8.00 -5.97 24.99
N SER A 405 -7.03 -5.97 25.92
CA SER A 405 -6.25 -4.72 26.10
C SER A 405 -5.40 -4.36 24.85
N GLY A 406 -5.16 -5.34 23.96
CA GLY A 406 -4.52 -5.04 22.64
C GLY A 406 -5.35 -4.18 21.73
N TYR A 407 -6.62 -3.98 22.08
CA TYR A 407 -7.54 -3.19 21.25
C TYR A 407 -7.86 -1.86 21.91
N GLY A 408 -7.08 -1.49 22.91
CA GLY A 408 -7.21 -0.15 23.47
C GLY A 408 -7.65 -0.23 24.91
N PRO A 409 -7.73 0.94 25.58
CA PRO A 409 -7.93 0.88 27.01
C PRO A 409 -9.24 0.23 27.42
N ALA A 410 -10.33 0.50 26.69
CA ALA A 410 -11.64 -0.09 27.07
C ALA A 410 -11.78 -1.54 26.62
N GLY A 411 -10.70 -2.11 26.11
CA GLY A 411 -10.72 -3.55 25.76
C GLY A 411 -10.31 -4.39 26.97
N GLU A 412 -9.72 -3.75 28.00
CA GLU A 412 -9.27 -4.54 29.12
C GLU A 412 -10.47 -5.25 29.81
N GLY A 413 -10.27 -6.50 30.27
CA GLY A 413 -11.35 -7.24 30.90
C GLY A 413 -12.02 -8.25 29.98
N PHE A 414 -11.61 -8.26 28.71
CA PHE A 414 -12.20 -9.14 27.71
C PHE A 414 -11.12 -9.83 26.88
N VAL A 415 -11.53 -10.92 26.26
CA VAL A 415 -10.73 -11.64 25.26
CA VAL A 415 -10.69 -11.54 25.18
C VAL A 415 -11.54 -11.83 23.97
N ARG A 416 -10.90 -11.72 22.79
CA ARG A 416 -11.59 -12.02 21.55
C ARG A 416 -11.20 -13.42 21.06
N ALA A 417 -12.19 -14.16 20.52
CA ALA A 417 -11.91 -15.49 19.92
C ALA A 417 -12.45 -15.45 18.49
N SER A 418 -11.56 -15.73 17.54
CA SER A 418 -11.97 -15.69 16.10
C SER A 418 -12.76 -16.98 15.72
N ALA A 419 -13.74 -16.83 14.83
CA ALA A 419 -14.47 -17.94 14.25
C ALA A 419 -13.85 -18.42 12.90
N PHE A 420 -12.69 -17.85 12.51
CA PHE A 420 -12.10 -18.22 11.25
C PHE A 420 -11.23 -19.47 11.55
N GLY A 421 -11.80 -20.61 11.22
CA GLY A 421 -11.07 -21.90 11.45
C GLY A 421 -11.96 -23.01 10.95
N SER A 422 -11.43 -24.22 10.97
CA SER A 422 -12.18 -25.32 10.38
C SER A 422 -13.21 -25.74 11.48
N ARG A 423 -14.26 -26.40 11.03
CA ARG A 423 -15.26 -26.90 11.98
C ARG A 423 -14.59 -27.89 12.95
N GLU A 424 -13.67 -28.73 12.49
CA GLU A 424 -13.02 -29.71 13.42
C GLU A 424 -12.31 -28.95 14.53
N ASN A 425 -11.59 -27.88 14.16
CA ASN A 425 -10.83 -27.18 15.16
C ASN A 425 -11.68 -26.36 16.14
N ILE A 426 -12.76 -25.76 15.62
CA ILE A 426 -13.80 -25.14 16.48
C ILE A 426 -14.35 -26.12 17.51
N LEU A 427 -14.75 -27.30 17.04
CA LEU A 427 -15.28 -28.34 17.94
C LEU A 427 -14.28 -28.82 18.96
N GLU A 428 -13.04 -28.86 18.56
CA GLU A 428 -12.01 -29.29 19.51
C GLU A 428 -11.72 -28.16 20.52
N ALA A 429 -11.68 -26.94 20.06
CA ALA A 429 -11.55 -25.81 20.97
C ALA A 429 -12.67 -25.78 22.01
N VAL A 430 -13.90 -26.06 21.59
CA VAL A 430 -15.06 -26.05 22.53
C VAL A 430 -14.87 -27.16 23.57
N ARG A 431 -14.41 -28.30 23.10
CA ARG A 431 -14.19 -29.45 24.00
C ARG A 431 -13.16 -29.02 25.08
N ARG A 432 -12.07 -28.40 24.65
CA ARG A 432 -10.99 -27.97 25.55
C ARG A 432 -11.44 -26.89 26.51
N PHE A 433 -12.23 -25.94 26.00
CA PHE A 433 -12.76 -24.87 26.88
C PHE A 433 -13.72 -25.45 27.93
N LYS A 434 -14.56 -26.41 27.55
CA LYS A 434 -15.45 -27.02 28.56
C LYS A 434 -14.65 -27.73 29.63
N GLU A 435 -13.60 -28.45 29.23
CA GLU A 435 -12.75 -29.18 30.20
C GLU A 435 -12.15 -28.21 31.20
N ALA A 436 -11.76 -27.02 30.70
CA ALA A 436 -10.99 -26.06 31.52
C ALA A 436 -11.92 -25.19 32.38
N TYR A 437 -13.09 -24.84 31.83
CA TYR A 437 -13.89 -23.76 32.45
C TYR A 437 -15.29 -24.23 32.81
N GLY A 438 -15.66 -25.46 32.43
CA GLY A 438 -17.07 -25.86 32.50
C GLY A 438 -17.49 -26.38 33.85
N GLN B 26 -35.59 14.58 7.28
CA GLN B 26 -35.48 16.05 7.47
C GLN B 26 -34.70 16.73 6.29
N ALA B 27 -34.88 18.04 6.21
CA ALA B 27 -34.07 18.94 5.37
C ALA B 27 -32.51 18.82 5.48
N VAL B 28 -31.96 18.42 6.63
CA VAL B 28 -30.47 18.33 6.78
C VAL B 28 -29.86 17.44 5.68
N ALA B 29 -30.47 16.25 5.50
CA ALA B 29 -29.96 15.26 4.54
C ALA B 29 -30.08 15.71 3.09
N GLN B 30 -30.85 16.82 2.86
CA GLN B 30 -31.00 17.40 1.48
C GLN B 30 -29.99 18.51 1.19
N ARG B 31 -29.09 18.78 2.15
CA ARG B 31 -28.22 19.95 2.06
C ARG B 31 -26.78 19.52 2.24
N ALA B 32 -25.88 20.26 1.62
CA ALA B 32 -24.47 20.10 1.80
C ALA B 32 -24.00 20.54 3.18
N GLY B 33 -22.73 20.21 3.42
CA GLY B 33 -21.75 21.21 3.94
C GLY B 33 -21.83 20.81 5.33
N THR B 34 -20.88 21.33 6.07
CA THR B 34 -20.69 21.13 7.45
C THR B 34 -19.20 21.20 7.82
N ILE B 35 -18.21 20.92 6.92
CA ILE B 35 -16.87 20.36 7.49
C ILE B 35 -15.74 21.30 7.84
N ASP B 36 -15.23 21.20 9.05
CA ASP B 36 -14.38 22.28 9.56
C ASP B 36 -12.93 21.92 9.50
N VAL B 37 -12.65 20.75 8.97
CA VAL B 37 -11.25 20.31 8.87
C VAL B 37 -10.62 21.02 7.67
N GLN B 38 -9.45 21.62 7.87
CA GLN B 38 -8.78 22.29 6.78
C GLN B 38 -8.04 21.28 5.93
N ARG B 39 -7.96 21.57 4.66
CA ARG B 39 -7.13 20.75 3.75
C ARG B 39 -5.67 20.68 4.35
N ASN B 40 -5.01 19.54 4.18
CA ASN B 40 -3.59 19.44 4.54
C ASN B 40 -2.79 20.44 3.64
N GLU B 41 -2.16 21.41 4.29
CA GLU B 41 -1.38 22.51 3.66
C GLU B 41 -0.40 21.86 2.63
N ASN B 42 0.14 20.70 2.97
CA ASN B 42 1.10 20.10 2.03
C ASN B 42 0.53 19.76 0.67
N PHE B 43 -0.78 19.45 0.60
CA PHE B 43 -1.40 19.15 -0.70
C PHE B 43 -1.63 20.39 -1.52
N GLY B 44 -1.85 21.55 -0.87
CA GLY B 44 -1.88 22.81 -1.55
C GLY B 44 -0.57 23.17 -2.19
N LYS B 45 0.57 22.58 -1.71
CA LYS B 45 1.86 22.93 -2.31
C LYS B 45 2.00 22.30 -3.70
N LEU B 46 1.37 21.12 -3.89
CA LEU B 46 1.49 20.44 -5.19
C LEU B 46 0.91 21.30 -6.31
N ARG B 47 1.49 21.27 -7.51
CA ARG B 47 1.16 22.29 -8.56
C ARG B 47 0.17 21.80 -9.69
N ALA B 48 0.08 20.49 -9.81
CA ALA B 48 -0.46 19.80 -11.00
C ALA B 48 -0.65 18.47 -10.38
N GLY B 49 -1.37 17.59 -11.12
CA GLY B 49 -1.54 16.19 -10.74
C GLY B 49 -0.26 15.40 -11.03
N TYR B 50 -0.21 14.16 -10.58
CA TYR B 50 1.01 13.40 -10.76
C TYR B 50 1.28 13.14 -12.32
N LEU B 51 2.56 12.98 -12.71
CA LEU B 51 3.00 13.01 -14.11
C LEU B 51 2.28 11.89 -14.93
N PHE B 52 2.40 10.64 -14.50
CA PHE B 52 1.90 9.55 -15.33
C PHE B 52 0.35 9.60 -15.53
N PRO B 53 -0.45 9.86 -14.47
CA PRO B 53 -1.88 10.04 -14.69
C PRO B 53 -2.20 11.18 -15.64
N GLU B 54 -1.41 12.25 -15.58
CA GLU B 54 -1.68 13.37 -16.47
C GLU B 54 -1.36 13.01 -17.91
N ILE B 55 -0.31 12.24 -18.12
CA ILE B 55 0.01 11.76 -19.48
C ILE B 55 -1.11 10.83 -20.00
N ALA B 56 -1.63 9.94 -19.14
CA ALA B 56 -2.71 9.06 -19.56
C ALA B 56 -3.98 9.92 -19.90
N ARG B 57 -4.22 10.97 -19.15
CA ARG B 57 -5.36 11.82 -19.44
C ARG B 57 -5.12 12.53 -20.77
N ARG B 58 -3.90 13.03 -21.00
CA ARG B 58 -3.61 13.78 -22.27
C ARG B 58 -3.73 12.83 -23.47
N ARG B 59 -3.34 11.57 -23.27
CA ARG B 59 -3.50 10.57 -24.35
C ARG B 59 -4.97 10.33 -24.64
N LYS B 60 -5.79 10.19 -23.58
CA LYS B 60 -7.22 10.02 -23.79
C LYS B 60 -7.83 11.23 -24.49
N ALA B 61 -7.50 12.46 -24.03
CA ALA B 61 -8.01 13.64 -24.71
C ALA B 61 -7.60 13.65 -26.20
N HIS B 62 -6.35 13.24 -26.47
CA HIS B 62 -5.91 13.19 -27.87
C HIS B 62 -6.70 12.18 -28.70
N GLN B 63 -7.03 11.04 -28.09
CA GLN B 63 -7.83 10.03 -28.83
C GLN B 63 -9.29 10.56 -29.04
N GLU B 64 -9.79 11.32 -28.08
CA GLU B 64 -11.18 11.97 -28.22
C GLU B 64 -11.17 12.99 -29.36
N LYS B 65 -10.10 13.77 -29.46
CA LYS B 65 -9.98 14.75 -30.56
C LYS B 65 -9.75 14.06 -31.89
N ASN B 66 -9.08 12.86 -31.86
CA ASN B 66 -8.66 12.14 -33.06
C ASN B 66 -9.12 10.68 -32.94
N PRO B 67 -10.43 10.42 -33.14
CA PRO B 67 -10.99 9.09 -32.88
C PRO B 67 -10.41 8.02 -33.78
N ASP B 68 -9.96 8.43 -34.96
CA ASP B 68 -9.32 7.48 -35.83
C ASP B 68 -7.80 7.29 -35.66
N ALA B 69 -7.18 8.12 -34.81
CA ALA B 69 -5.71 7.99 -34.61
C ALA B 69 -5.33 6.63 -34.01
N LYS B 70 -4.28 6.01 -34.59
CA LYS B 70 -3.77 4.81 -34.00
C LYS B 70 -2.54 5.25 -33.14
N ILE B 71 -2.79 5.43 -31.87
CA ILE B 71 -1.75 6.04 -30.98
C ILE B 71 -0.81 4.94 -30.51
N ILE B 72 0.49 5.22 -30.58
CA ILE B 72 1.49 4.31 -30.02
C ILE B 72 2.06 4.94 -28.77
N SER B 73 1.97 4.19 -27.68
CA SER B 73 2.51 4.72 -26.47
C SER B 73 4.02 4.32 -26.27
N LEU B 74 4.86 5.32 -26.15
CA LEU B 74 6.24 5.17 -25.70
C LEU B 74 6.35 6.10 -24.46
N GLY B 75 5.21 6.20 -23.75
CA GLY B 75 5.10 7.20 -22.71
C GLY B 75 5.37 6.66 -21.35
N ILE B 76 4.30 6.26 -20.67
CA ILE B 76 4.40 5.79 -19.28
CA ILE B 76 4.47 5.83 -19.30
C ILE B 76 5.18 4.50 -19.17
N GLY B 77 5.13 3.65 -20.21
CA GLY B 77 5.73 2.34 -20.12
C GLY B 77 4.69 1.31 -19.72
N ASP B 78 3.43 1.56 -19.98
CA ASP B 78 2.41 0.61 -19.54
CA ASP B 78 2.37 0.64 -19.58
C ASP B 78 2.27 -0.61 -20.44
N THR B 79 2.75 -0.49 -21.71
CA THR B 79 2.56 -1.60 -22.67
C THR B 79 3.75 -2.62 -22.60
N THR B 80 3.96 -3.16 -21.42
CA THR B 80 4.97 -4.18 -21.25
C THR B 80 4.57 -5.42 -22.04
N GLU B 81 5.57 -6.21 -22.40
CA GLU B 81 5.31 -7.42 -23.20
CA GLU B 81 5.34 -7.42 -23.21
C GLU B 81 4.77 -8.53 -22.28
N PRO B 82 4.21 -9.60 -22.88
CA PRO B 82 3.66 -10.63 -22.01
C PRO B 82 4.67 -11.16 -21.01
N LEU B 83 4.15 -11.48 -19.81
CA LEU B 83 5.00 -12.00 -18.77
C LEU B 83 5.61 -13.37 -19.15
N PRO B 84 6.87 -13.64 -18.72
CA PRO B 84 7.42 -14.99 -18.88
C PRO B 84 6.43 -16.05 -18.36
N LYS B 85 6.21 -17.07 -19.18
CA LYS B 85 5.22 -18.07 -18.85
C LYS B 85 5.57 -18.79 -17.56
N TYR B 86 6.88 -18.99 -17.27
CA TYR B 86 7.20 -19.77 -16.03
C TYR B 86 6.72 -18.96 -14.80
N ILE B 87 6.79 -17.65 -14.93
CA ILE B 87 6.33 -16.82 -13.78
C ILE B 87 4.80 -16.81 -13.71
N ALA B 88 4.13 -16.58 -14.86
CA ALA B 88 2.68 -16.59 -14.91
C ALA B 88 2.10 -17.89 -14.35
N ASP B 89 2.74 -19.01 -14.77
CA ASP B 89 2.22 -20.28 -14.35
C ASP B 89 2.34 -20.49 -12.82
N ALA B 90 3.46 -19.99 -12.25
CA ALA B 90 3.63 -20.07 -10.79
C ALA B 90 2.52 -19.30 -10.06
N MET B 91 2.22 -18.11 -10.58
CA MET B 91 1.16 -17.30 -10.00
C MET B 91 -0.21 -17.95 -10.16
N ALA B 92 -0.43 -18.52 -11.34
CA ALA B 92 -1.73 -19.21 -11.54
C ALA B 92 -1.92 -20.36 -10.59
N LYS B 93 -0.84 -21.13 -10.42
CA LYS B 93 -0.99 -22.31 -9.54
C LYS B 93 -1.19 -21.88 -8.08
N ALA B 94 -0.50 -20.81 -7.65
CA ALA B 94 -0.73 -20.28 -6.29
C ALA B 94 -2.16 -19.79 -6.13
N ALA B 95 -2.70 -19.18 -7.18
CA ALA B 95 -4.10 -18.63 -7.09
C ALA B 95 -5.09 -19.79 -6.98
N ALA B 96 -4.96 -20.76 -7.90
CA ALA B 96 -5.87 -21.94 -7.85
C ALA B 96 -5.74 -22.66 -6.52
N GLY B 97 -4.52 -22.68 -5.96
CA GLY B 97 -4.29 -23.39 -4.70
C GLY B 97 -5.04 -22.77 -3.50
N LEU B 98 -5.50 -21.52 -3.65
CA LEU B 98 -6.27 -20.86 -2.57
C LEU B 98 -7.55 -21.62 -2.26
N ALA B 99 -8.04 -22.37 -3.27
CA ALA B 99 -9.30 -23.13 -3.10
C ALA B 99 -9.15 -24.40 -2.33
N THR B 100 -7.91 -24.78 -2.05
CA THR B 100 -7.68 -26.01 -1.38
C THR B 100 -6.70 -25.87 -0.22
N ARG B 101 -6.56 -24.71 0.36
CA ARG B 101 -5.73 -24.58 1.56
C ARG B 101 -6.35 -23.60 2.49
N GLU B 102 -6.01 -23.74 3.77
CA GLU B 102 -6.35 -22.68 4.74
C GLU B 102 -5.46 -21.45 4.64
N GLY B 103 -5.87 -20.38 5.29
CA GLY B 103 -5.06 -19.19 5.36
C GLY B 103 -3.77 -19.53 6.09
N TYR B 104 -2.67 -18.91 5.66
CA TYR B 104 -1.37 -19.13 6.31
C TYR B 104 -1.27 -18.45 7.67
N SER B 105 -0.47 -19.04 8.56
CA SER B 105 -0.29 -18.42 9.88
C SER B 105 1.17 -18.59 10.23
N GLY B 106 1.78 -17.63 10.93
CA GLY B 106 3.26 -17.63 11.08
C GLY B 106 3.81 -16.29 11.54
N TYR B 107 4.83 -16.38 12.40
CA TYR B 107 5.59 -15.19 12.81
C TYR B 107 6.56 -14.77 11.65
N GLY B 108 7.25 -15.76 11.07
CA GLY B 108 8.14 -15.45 9.90
C GLY B 108 7.60 -15.67 8.47
N ALA B 109 6.79 -14.77 7.86
CA ALA B 109 6.48 -13.35 8.28
C ALA B 109 5.55 -12.61 7.28
N GLU B 110 4.84 -11.61 7.79
CA GLU B 110 4.30 -10.56 6.89
C GLU B 110 5.45 -9.70 6.27
N GLN B 111 6.70 -9.99 6.72
CA GLN B 111 7.94 -9.49 6.03
C GLN B 111 8.22 -10.14 4.68
N GLY B 112 7.46 -11.17 4.40
CA GLY B 112 7.64 -11.89 3.10
C GLY B 112 8.01 -13.35 3.37
N GLN B 113 7.63 -14.21 2.46
CA GLN B 113 8.00 -15.61 2.60
C GLN B 113 9.53 -15.76 2.75
N GLY B 114 9.94 -16.62 3.69
CA GLY B 114 11.32 -16.89 3.91
C GLY B 114 12.02 -17.30 2.63
N ALA B 115 11.37 -18.17 1.86
CA ALA B 115 12.06 -18.74 0.67
C ALA B 115 12.34 -17.62 -0.30
N LEU B 116 11.42 -16.67 -0.42
CA LEU B 116 11.64 -15.56 -1.34
C LEU B 116 12.66 -14.59 -0.82
N ARG B 117 12.59 -14.29 0.46
CA ARG B 117 13.63 -13.38 0.98
C ARG B 117 15.03 -14.03 0.87
N GLU B 118 15.15 -15.35 1.11
CA GLU B 118 16.47 -16.04 0.90
C GLU B 118 16.89 -15.98 -0.57
N ALA B 119 15.94 -16.20 -1.49
CA ALA B 119 16.26 -16.14 -2.94
C ALA B 119 16.67 -14.76 -3.35
N VAL B 120 16.00 -13.74 -2.81
CA VAL B 120 16.42 -12.35 -3.14
C VAL B 120 17.87 -12.08 -2.56
N ALA B 121 18.09 -12.48 -1.31
CA ALA B 121 19.36 -12.23 -0.65
C ALA B 121 20.47 -12.93 -1.44
N SER B 122 20.26 -14.18 -1.89
CA SER B 122 21.39 -14.87 -2.51
C SER B 122 21.56 -14.44 -3.97
N THR B 123 20.44 -14.08 -4.65
CA THR B 123 20.52 -13.75 -6.07
C THR B 123 21.08 -12.34 -6.26
N PHE B 124 20.60 -11.41 -5.45
CA PHE B 124 20.97 -10.02 -5.67
C PHE B 124 22.03 -9.48 -4.72
N TYR B 125 22.19 -10.14 -3.57
CA TYR B 125 23.06 -9.59 -2.50
C TYR B 125 24.05 -10.62 -1.94
N GLY B 126 24.35 -11.63 -2.75
CA GLY B 126 25.42 -12.64 -2.40
C GLY B 126 26.72 -11.96 -2.00
N HIS B 127 27.32 -11.26 -2.96
CA HIS B 127 28.58 -10.54 -2.71
C HIS B 127 28.41 -9.41 -1.76
N ALA B 128 27.21 -8.85 -1.74
CA ALA B 128 26.96 -7.63 -1.01
C ALA B 128 26.65 -7.84 0.46
N GLY B 129 26.55 -9.09 0.95
CA GLY B 129 26.46 -9.32 2.36
C GLY B 129 25.12 -9.09 3.07
N ARG B 130 24.03 -8.98 2.33
CA ARG B 130 22.74 -8.70 3.01
C ARG B 130 22.06 -10.02 3.41
N ALA B 131 21.42 -10.01 4.56
CA ALA B 131 20.76 -11.19 5.07
C ALA B 131 19.29 -11.20 4.67
N ALA B 132 18.73 -12.38 4.62
CA ALA B 132 17.26 -12.48 4.37
C ALA B 132 16.43 -11.66 5.35
N ASP B 133 16.82 -11.59 6.61
CA ASP B 133 16.00 -10.83 7.56
C ASP B 133 16.09 -9.28 7.39
N GLU B 134 16.95 -8.83 6.47
CA GLU B 134 16.99 -7.39 6.13
C GLU B 134 16.13 -7.10 4.88
N ILE B 135 15.54 -8.16 4.28
CA ILE B 135 14.75 -7.94 3.06
C ILE B 135 13.28 -7.90 3.49
N PHE B 136 12.54 -6.94 2.95
CA PHE B 136 11.09 -6.82 3.24
C PHE B 136 10.32 -6.78 1.93
N ILE B 137 9.53 -7.83 1.72
CA ILE B 137 8.82 -7.95 0.44
C ILE B 137 7.55 -7.09 0.51
N SER B 138 7.28 -6.34 -0.55
CA SER B 138 6.05 -5.53 -0.58
C SER B 138 5.33 -5.71 -1.93
N ASP B 139 4.26 -4.94 -2.08
CA ASP B 139 3.48 -4.97 -3.32
C ASP B 139 4.00 -3.92 -4.35
N GLY B 140 5.11 -3.20 -4.05
CA GLY B 140 5.64 -2.27 -5.03
C GLY B 140 6.55 -1.27 -4.35
N SER B 141 7.46 -0.80 -5.14
CA SER B 141 8.41 0.22 -4.70
CA SER B 141 8.41 0.24 -4.74
CA SER B 141 8.42 0.22 -4.73
C SER B 141 7.79 1.59 -4.42
N LYS B 142 6.82 2.04 -5.25
CA LYS B 142 6.22 3.37 -4.95
C LYS B 142 5.52 3.34 -3.59
N CYS B 143 4.87 2.21 -3.27
CA CYS B 143 4.18 2.10 -2.02
C CYS B 143 5.24 2.16 -0.88
N ASP B 144 6.37 1.50 -1.06
CA ASP B 144 7.41 1.53 -0.06
C ASP B 144 8.04 2.91 0.10
N ILE B 145 8.24 3.65 -1.00
CA ILE B 145 8.79 5.01 -0.87
C ILE B 145 7.81 5.84 -0.01
N ALA B 146 6.50 5.75 -0.25
CA ALA B 146 5.55 6.52 0.61
C ALA B 146 5.65 6.06 2.06
N ARG B 147 5.83 4.76 2.27
CA ARG B 147 5.95 4.30 3.66
C ARG B 147 7.28 4.73 4.32
N ILE B 148 8.36 4.82 3.53
CA ILE B 148 9.65 5.31 4.06
C ILE B 148 9.51 6.75 4.48
N GLN B 149 8.76 7.48 3.67
CA GLN B 149 8.59 8.95 3.97
C GLN B 149 7.77 9.10 5.24
N MET B 150 6.77 8.21 5.44
CA MET B 150 6.00 8.24 6.68
C MET B 150 6.93 7.93 7.90
N MET B 151 7.84 6.98 7.66
CA MET B 151 8.81 6.62 8.72
C MET B 151 9.73 7.81 9.06
N PHE B 152 10.17 8.54 8.04
CA PHE B 152 11.06 9.71 8.27
C PHE B 152 10.29 10.85 8.93
N GLY B 153 9.04 11.02 8.50
CA GLY B 153 8.23 12.10 9.03
C GLY B 153 8.58 13.44 8.40
N SER B 154 7.98 14.51 8.92
CA SER B 154 8.12 15.81 8.27
C SER B 154 9.42 16.57 8.54
N LYS B 155 10.16 16.20 9.58
CA LYS B 155 11.36 16.99 9.99
C LYS B 155 12.60 16.92 9.09
N PRO B 156 12.94 15.73 8.60
CA PRO B 156 14.20 15.65 7.83
C PRO B 156 14.19 16.42 6.53
N THR B 157 15.37 16.92 6.16
CA THR B 157 15.54 17.56 4.87
C THR B 157 15.96 16.54 3.80
N VAL B 158 15.62 16.85 2.58
CA VAL B 158 15.81 15.89 1.49
C VAL B 158 16.65 16.48 0.34
N ALA B 159 17.47 15.61 -0.24
CA ALA B 159 18.11 15.86 -1.55
C ALA B 159 17.61 14.81 -2.52
N VAL B 160 17.41 15.22 -3.76
CA VAL B 160 16.89 14.31 -4.80
CA VAL B 160 16.92 14.28 -4.81
C VAL B 160 17.73 14.49 -6.06
N GLN B 161 18.09 13.42 -6.69
CA GLN B 161 18.71 13.51 -7.94
C GLN B 161 17.76 14.22 -8.92
N ASP B 162 18.32 15.06 -9.79
CA ASP B 162 17.50 15.87 -10.72
C ASP B 162 18.08 15.76 -12.13
N PRO B 163 17.29 15.30 -13.11
CA PRO B 163 15.93 14.82 -13.00
C PRO B 163 15.81 13.41 -12.35
N SER B 164 14.59 13.10 -11.87
CA SER B 164 14.25 11.76 -11.32
CA SER B 164 14.26 11.79 -11.34
C SER B 164 12.76 11.55 -11.37
N TYR B 165 12.38 10.27 -11.39
CA TYR B 165 10.99 9.88 -11.30
C TYR B 165 10.36 10.70 -10.12
N PRO B 166 9.16 11.28 -10.35
CA PRO B 166 8.76 12.37 -9.45
C PRO B 166 8.13 11.89 -8.11
N VAL B 167 8.10 10.57 -7.87
CA VAL B 167 7.60 10.08 -6.55
C VAL B 167 8.41 10.64 -5.40
N TYR B 168 9.73 10.79 -5.61
CA TYR B 168 10.55 11.20 -4.44
C TYR B 168 10.23 12.62 -4.00
N VAL B 169 10.16 13.55 -4.98
CA VAL B 169 9.82 14.92 -4.65
C VAL B 169 8.38 14.98 -4.12
N ASP B 170 7.45 14.34 -4.84
CA ASP B 170 6.03 14.55 -4.52
C ASP B 170 5.70 13.97 -3.14
N THR B 171 6.29 12.79 -2.76
CA THR B 171 6.02 12.28 -1.40
C THR B 171 6.70 13.12 -0.33
N SER B 172 7.86 13.70 -0.67
CA SER B 172 8.53 14.64 0.30
C SER B 172 7.63 15.83 0.57
N VAL B 173 7.06 16.38 -0.49
CA VAL B 173 6.14 17.56 -0.37
C VAL B 173 4.88 17.14 0.44
N MET B 174 4.31 15.97 0.13
CA MET B 174 3.09 15.55 0.84
C MET B 174 3.31 15.33 2.33
N MET B 175 4.51 14.89 2.72
CA MET B 175 4.84 14.58 4.11
C MET B 175 5.21 15.86 4.84
N GLY B 176 5.35 16.98 4.12
CA GLY B 176 5.72 18.23 4.83
C GLY B 176 7.20 18.49 5.04
N MET B 177 8.05 17.83 4.26
CA MET B 177 9.48 17.97 4.38
C MET B 177 10.03 19.15 3.64
N THR B 178 9.18 19.89 2.93
CA THR B 178 9.67 20.91 1.99
C THR B 178 9.02 22.25 2.24
N GLY B 179 9.51 23.33 1.57
CA GLY B 179 8.65 24.58 1.49
C GLY B 179 7.75 24.57 0.26
N ASP B 180 7.32 25.78 -0.14
CA ASP B 180 6.37 25.94 -1.24
C ASP B 180 7.05 25.81 -2.58
N HIS B 181 6.26 25.66 -3.66
CA HIS B 181 6.84 25.65 -5.00
C HIS B 181 7.29 27.08 -5.30
N ASN B 182 8.46 27.22 -5.96
CA ASN B 182 9.06 28.56 -6.30
C ASN B 182 9.02 28.90 -7.81
N GLY B 183 8.19 28.17 -8.55
CA GLY B 183 8.09 28.34 -9.99
C GLY B 183 9.02 27.45 -10.76
N THR B 184 10.08 26.93 -10.14
CA THR B 184 10.99 26.01 -10.86
C THR B 184 10.95 24.63 -10.17
N GLY B 185 11.13 24.65 -8.84
CA GLY B 185 11.06 23.40 -8.02
C GLY B 185 10.51 23.80 -6.67
N PHE B 186 10.65 22.93 -5.70
CA PHE B 186 10.15 23.20 -4.37
C PHE B 186 11.28 23.75 -3.51
N ASP B 187 11.02 24.84 -2.81
CA ASP B 187 11.93 25.32 -1.78
C ASP B 187 12.22 24.24 -0.77
N GLY B 188 13.45 24.23 -0.30
CA GLY B 188 13.82 23.26 0.72
C GLY B 188 14.28 21.89 0.22
N ILE B 189 14.13 21.59 -1.07
CA ILE B 189 14.76 20.37 -1.61
C ILE B 189 16.08 20.73 -2.24
N GLU B 190 17.09 19.90 -1.93
CA GLU B 190 18.41 20.05 -2.57
C GLU B 190 18.33 19.16 -3.83
N TYR B 191 18.30 19.83 -4.99
CA TYR B 191 18.28 19.12 -6.29
C TYR B 191 19.70 18.90 -6.74
N MET B 192 20.06 17.62 -6.91
CA MET B 192 21.44 17.26 -7.25
C MET B 192 21.44 17.04 -8.77
N VAL B 193 21.84 18.06 -9.50
CA VAL B 193 21.68 18.06 -11.00
C VAL B 193 22.63 17.15 -11.73
N CYS B 194 22.03 16.32 -12.60
CA CYS B 194 22.79 15.41 -13.44
C CYS B 194 22.47 15.81 -14.87
N ASN B 195 23.48 16.05 -15.71
CA ASN B 195 23.22 16.48 -17.09
C ASN B 195 24.32 15.99 -18.00
N PRO B 196 24.22 16.28 -19.31
CA PRO B 196 25.32 15.73 -20.15
C PRO B 196 26.68 16.29 -19.81
N ASP B 197 26.75 17.54 -19.35
CA ASP B 197 28.08 18.11 -19.14
C ASP B 197 28.80 17.51 -17.93
N ASN B 198 28.02 17.04 -16.90
CA ASN B 198 28.67 16.36 -15.80
C ASN B 198 28.58 14.84 -15.88
N HIS B 199 28.27 14.32 -17.07
CA HIS B 199 28.22 12.87 -17.29
C HIS B 199 27.21 12.26 -16.30
N PHE B 200 26.12 13.00 -16.11
CA PHE B 200 24.96 12.56 -15.28
C PHE B 200 25.38 12.12 -13.89
N PHE B 201 26.23 12.89 -13.25
CA PHE B 201 26.54 12.64 -11.86
C PHE B 201 26.80 13.97 -11.21
N PRO B 202 26.16 14.20 -10.06
CA PRO B 202 26.23 15.56 -9.54
C PRO B 202 27.55 15.92 -8.99
N ASP B 203 27.74 17.24 -8.88
CA ASP B 203 28.95 17.75 -8.25
C ASP B 203 28.80 17.74 -6.72
N LEU B 204 29.21 16.64 -6.08
CA LEU B 204 29.07 16.48 -4.64
C LEU B 204 30.00 17.41 -3.85
N SER B 205 31.05 18.01 -4.48
CA SER B 205 31.89 18.91 -3.67
C SER B 205 31.09 20.18 -3.40
N LYS B 206 30.08 20.45 -4.22
CA LYS B 206 29.26 21.62 -4.05
C LYS B 206 27.85 21.27 -3.48
N ALA B 207 27.50 19.99 -3.32
CA ALA B 207 26.15 19.63 -2.92
C ALA B 207 25.90 19.95 -1.44
N LYS B 208 24.73 20.51 -1.14
CA LYS B 208 24.38 20.85 0.25
C LYS B 208 24.02 19.62 1.05
N ARG B 209 24.38 19.66 2.33
CA ARG B 209 24.07 18.55 3.27
CA ARG B 209 24.07 18.55 3.26
C ARG B 209 22.58 18.51 3.57
N THR B 210 22.00 17.29 3.55
CA THR B 210 20.63 17.07 3.94
C THR B 210 20.60 15.82 4.82
N ASP B 211 19.45 15.57 5.42
CA ASP B 211 19.27 14.31 6.20
C ASP B 211 19.16 13.09 5.25
N ILE B 212 18.32 13.22 4.20
CA ILE B 212 18.04 12.11 3.35
C ILE B 212 18.55 12.46 1.94
N ILE B 213 19.04 11.45 1.26
CA ILE B 213 19.44 11.55 -0.17
C ILE B 213 18.68 10.44 -0.93
N PHE B 214 17.93 10.81 -1.97
CA PHE B 214 17.28 9.83 -2.84
C PHE B 214 18.08 9.77 -4.14
N PHE B 215 18.50 8.59 -4.52
CA PHE B 215 19.36 8.43 -5.69
C PHE B 215 18.94 7.16 -6.40
N CYS B 216 18.89 7.23 -7.73
CA CYS B 216 18.48 6.05 -8.51
CA CYS B 216 18.40 6.12 -8.59
C CYS B 216 19.55 5.69 -9.53
N SER B 217 19.81 4.38 -9.65
CA SER B 217 20.74 3.92 -10.67
C SER B 217 20.30 2.55 -11.13
N PRO B 218 19.99 2.39 -12.44
CA PRO B 218 19.94 3.44 -13.46
C PRO B 218 18.92 4.49 -13.14
N ASN B 219 19.25 5.75 -13.45
CA ASN B 219 18.28 6.79 -13.23
C ASN B 219 17.14 6.70 -14.24
N ASN B 220 15.92 6.97 -13.75
CA ASN B 220 14.75 7.19 -14.60
C ASN B 220 14.52 8.70 -14.43
N PRO B 221 14.72 9.50 -15.50
CA PRO B 221 14.56 9.20 -16.91
C PRO B 221 15.84 9.18 -17.73
N THR B 222 17.01 9.48 -17.14
CA THR B 222 18.15 9.69 -18.04
C THR B 222 18.76 8.39 -18.54
N GLY B 223 18.53 7.32 -17.79
CA GLY B 223 19.11 6.00 -18.08
C GLY B 223 20.51 5.83 -17.58
N ALA B 224 21.05 6.86 -16.89
CA ALA B 224 22.44 6.80 -16.42
C ALA B 224 22.62 5.82 -15.26
N ALA B 225 23.53 4.86 -15.46
CA ALA B 225 23.94 3.91 -14.38
C ALA B 225 25.27 4.40 -13.83
N ALA B 226 25.26 4.75 -12.54
CA ALA B 226 26.45 5.26 -11.86
C ALA B 226 27.57 4.22 -11.85
N THR B 227 28.79 4.69 -12.08
CA THR B 227 29.96 3.81 -12.06
C THR B 227 30.34 3.46 -10.65
N ARG B 228 31.19 2.44 -10.49
CA ARG B 228 31.65 2.11 -9.15
C ARG B 228 32.34 3.31 -8.43
N ALA B 229 33.14 4.07 -9.16
CA ALA B 229 33.85 5.20 -8.55
C ALA B 229 32.85 6.27 -8.15
N GLN B 230 31.79 6.49 -9.01
CA GLN B 230 30.76 7.45 -8.67
C GLN B 230 29.96 7.04 -7.43
N LEU B 231 29.56 5.79 -7.34
CA LEU B 231 28.82 5.35 -6.16
C LEU B 231 29.69 5.39 -4.88
N THR B 232 31.00 5.14 -5.03
CA THR B 232 31.91 5.22 -3.91
C THR B 232 31.93 6.70 -3.41
N GLU B 233 31.97 7.62 -4.37
CA GLU B 233 31.82 9.05 -3.99
C GLU B 233 30.52 9.33 -3.22
N LEU B 234 29.42 8.83 -3.76
CA LEU B 234 28.08 9.05 -3.19
C LEU B 234 28.01 8.48 -1.78
N VAL B 235 28.54 7.27 -1.61
CA VAL B 235 28.48 6.62 -0.26
C VAL B 235 29.38 7.47 0.70
N ASN B 236 30.57 7.84 0.23
CA ASN B 236 31.46 8.63 1.11
C ASN B 236 30.89 9.98 1.46
N PHE B 237 30.15 10.58 0.54
CA PHE B 237 29.41 11.83 0.79
C PHE B 237 28.33 11.63 1.86
N ALA B 238 27.52 10.61 1.68
CA ALA B 238 26.51 10.34 2.68
C ALA B 238 27.13 10.09 4.07
N ARG B 239 28.17 9.24 4.13
CA ARG B 239 28.80 8.90 5.41
C ARG B 239 29.38 10.15 6.10
N LYS B 240 30.12 10.99 5.33
CA LYS B 240 30.71 12.24 5.90
C LYS B 240 29.61 13.16 6.43
N ASN B 241 28.46 13.20 5.72
CA ASN B 241 27.38 14.10 6.08
C ASN B 241 26.41 13.52 7.09
N GLY B 242 26.57 12.23 7.41
CA GLY B 242 25.64 11.54 8.31
C GLY B 242 24.24 11.43 7.73
N SER B 243 24.16 11.27 6.41
CA SER B 243 22.85 11.15 5.75
C SER B 243 22.43 9.70 5.49
N ILE B 244 21.13 9.48 5.55
CA ILE B 244 20.56 8.22 5.04
C ILE B 244 20.34 8.33 3.53
N LEU B 245 20.88 7.34 2.83
CA LEU B 245 20.78 7.21 1.37
C LEU B 245 19.65 6.20 0.99
N VAL B 246 18.61 6.69 0.30
CA VAL B 246 17.60 5.78 -0.22
C VAL B 246 17.90 5.62 -1.68
N TYR B 247 18.24 4.38 -2.02
CA TYR B 247 18.80 4.08 -3.32
C TYR B 247 17.81 3.20 -4.07
N ASP B 248 17.41 3.71 -5.25
CA ASP B 248 16.44 2.99 -6.07
C ASP B 248 17.16 2.28 -7.21
N ALA B 249 17.17 0.97 -7.11
CA ALA B 249 17.77 0.06 -8.11
C ALA B 249 16.74 -0.67 -8.96
N ALA B 250 15.56 -0.08 -9.15
CA ALA B 250 14.47 -0.74 -9.91
C ALA B 250 14.94 -1.24 -11.28
N TYR B 251 15.77 -0.48 -11.99
CA TYR B 251 16.15 -0.81 -13.36
C TYR B 251 17.53 -1.51 -13.40
N ALA B 252 18.03 -1.95 -12.25
CA ALA B 252 19.40 -2.53 -12.25
C ALA B 252 19.52 -3.85 -13.08
N LEU B 253 18.39 -4.56 -13.26
CA LEU B 253 18.34 -5.77 -14.11
C LEU B 253 18.85 -5.42 -15.53
N TYR B 254 18.70 -4.13 -15.94
CA TYR B 254 19.00 -3.71 -17.31
C TYR B 254 20.46 -3.25 -17.49
N ILE B 255 21.21 -3.16 -16.41
CA ILE B 255 22.62 -2.69 -16.53
C ILE B 255 23.42 -3.72 -17.28
N SER B 256 24.12 -3.21 -18.31
CA SER B 256 25.06 -3.98 -19.12
C SER B 256 26.53 -3.73 -18.77
N ASN B 257 26.85 -2.50 -18.39
CA ASN B 257 28.26 -2.11 -18.14
C ASN B 257 28.75 -2.79 -16.83
N PRO B 258 29.84 -3.59 -16.91
CA PRO B 258 30.35 -4.28 -15.69
C PRO B 258 30.92 -3.31 -14.64
N ASP B 259 31.15 -2.05 -15.03
CA ASP B 259 31.68 -1.04 -14.07
C ASP B 259 30.59 -0.34 -13.31
N CYS B 260 29.34 -0.73 -13.58
CA CYS B 260 28.21 -0.04 -12.90
C CYS B 260 27.50 -1.01 -11.93
N PRO B 261 27.70 -0.84 -10.61
CA PRO B 261 27.11 -1.84 -9.68
C PRO B 261 25.57 -1.92 -9.79
N LYS B 262 25.07 -3.14 -9.60
CA LYS B 262 23.60 -3.35 -9.58
C LYS B 262 22.96 -3.15 -8.21
N THR B 263 23.80 -3.00 -7.17
CA THR B 263 23.29 -2.66 -5.85
C THR B 263 24.27 -1.73 -5.20
N ILE B 264 23.74 -0.82 -4.40
CA ILE B 264 24.60 0.09 -3.62
C ILE B 264 25.43 -0.64 -2.60
N TYR B 265 25.02 -1.88 -2.23
CA TYR B 265 25.76 -2.63 -1.19
C TYR B 265 27.04 -3.26 -1.68
N GLU B 266 27.33 -3.11 -2.99
CA GLU B 266 28.66 -3.54 -3.50
C GLU B 266 29.70 -2.50 -3.02
N ILE B 267 29.26 -1.33 -2.53
CA ILE B 267 30.21 -0.29 -2.04
C ILE B 267 30.51 -0.42 -0.52
N PRO B 268 31.78 -0.57 -0.14
CA PRO B 268 32.10 -0.55 1.27
C PRO B 268 31.49 0.61 2.07
N GLY B 269 30.86 0.27 3.21
CA GLY B 269 30.33 1.30 4.07
C GLY B 269 28.88 1.64 3.74
N ALA B 270 28.35 1.11 2.65
CA ALA B 270 26.96 1.46 2.27
C ALA B 270 25.97 0.89 3.29
N ASP B 271 26.30 -0.24 3.91
CA ASP B 271 25.38 -0.90 4.88
C ASP B 271 25.06 0.03 6.10
N GLU B 272 25.92 1.01 6.41
CA GLU B 272 25.66 1.88 7.52
C GLU B 272 24.87 3.09 7.14
N VAL B 273 24.60 3.27 5.84
CA VAL B 273 23.85 4.50 5.47
C VAL B 273 22.69 4.27 4.51
N ALA B 274 22.61 3.11 3.85
CA ALA B 274 21.69 3.02 2.67
C ALA B 274 20.54 2.04 2.90
N ILE B 275 19.37 2.45 2.40
CA ILE B 275 18.22 1.57 2.21
C ILE B 275 18.03 1.44 0.71
N GLU B 276 17.85 0.20 0.25
CA GLU B 276 17.65 0.01 -1.23
C GLU B 276 16.21 -0.40 -1.47
N THR B 277 15.65 0.15 -2.53
CA THR B 277 14.29 -0.27 -3.00
C THR B 277 14.45 -0.86 -4.40
N CYS B 278 13.71 -1.92 -4.63
CA CYS B 278 13.70 -2.65 -5.91
C CYS B 278 12.31 -3.08 -6.28
N SER B 279 12.12 -3.40 -7.55
CA SER B 279 10.76 -3.60 -8.09
C SER B 279 10.83 -4.76 -9.10
N PHE B 280 9.95 -5.74 -8.96
CA PHE B 280 9.60 -6.67 -10.00
C PHE B 280 8.23 -6.41 -10.57
N SER B 281 7.77 -5.17 -10.49
CA SER B 281 6.45 -4.85 -10.96
C SER B 281 6.45 -4.51 -12.46
N LYS B 282 5.24 -4.15 -12.91
CA LYS B 282 5.07 -3.63 -14.28
CA LYS B 282 5.09 -3.64 -14.29
C LYS B 282 6.05 -2.47 -14.56
N TYR B 283 6.27 -1.61 -13.55
CA TYR B 283 7.25 -0.51 -13.68
C TYR B 283 8.61 -1.02 -14.20
N ALA B 284 9.04 -2.21 -13.71
CA ALA B 284 10.36 -2.71 -14.11
C ALA B 284 10.25 -3.63 -15.35
N GLY B 285 9.05 -3.80 -15.92
CA GLY B 285 8.90 -4.51 -17.20
C GLY B 285 8.04 -5.77 -17.12
N PHE B 286 7.51 -6.11 -15.91
CA PHE B 286 6.82 -7.40 -15.70
C PHE B 286 5.28 -7.20 -15.71
N THR B 287 4.67 -7.62 -16.83
CA THR B 287 3.21 -7.48 -16.99
C THR B 287 2.51 -8.22 -15.87
N GLY B 288 1.54 -7.49 -15.29
CA GLY B 288 0.62 -8.04 -14.26
C GLY B 288 1.16 -8.08 -12.86
N VAL B 289 2.43 -7.77 -12.69
CA VAL B 289 3.04 -7.96 -11.36
C VAL B 289 2.98 -6.65 -10.55
N ARG B 290 2.68 -6.81 -9.25
CA ARG B 290 2.84 -5.73 -8.28
C ARG B 290 3.66 -6.37 -7.12
N LEU B 291 4.96 -6.13 -7.17
CA LEU B 291 5.91 -6.78 -6.22
C LEU B 291 7.15 -5.96 -6.14
N GLY B 292 7.63 -5.72 -4.95
CA GLY B 292 9.00 -5.15 -4.78
C GLY B 292 9.60 -5.58 -3.47
N TRP B 293 10.73 -4.97 -3.18
CA TRP B 293 11.29 -5.17 -1.83
C TRP B 293 12.15 -4.02 -1.45
N THR B 294 12.33 -3.95 -0.16
CA THR B 294 13.32 -3.03 0.43
C THR B 294 14.35 -3.80 1.18
N VAL B 295 15.54 -3.20 1.27
CA VAL B 295 16.60 -3.72 2.16
C VAL B 295 16.87 -2.66 3.19
N VAL B 296 16.79 -3.04 4.46
CA VAL B 296 17.11 -2.14 5.58
C VAL B 296 18.13 -2.91 6.42
N PRO B 297 19.43 -2.60 6.23
CA PRO B 297 20.46 -3.28 6.98
C PRO B 297 20.31 -3.13 8.48
N LYS B 298 20.64 -4.17 9.24
CA LYS B 298 20.63 -4.04 10.71
C LYS B 298 21.69 -3.04 11.17
N ALA B 299 22.71 -2.79 10.35
CA ALA B 299 23.78 -1.83 10.68
C ALA B 299 23.34 -0.40 10.61
N LEU B 300 22.17 -0.13 10.05
CA LEU B 300 21.71 1.26 9.86
C LEU B 300 21.01 1.77 11.09
N LYS B 301 21.63 2.76 11.74
CA LYS B 301 21.11 3.20 13.03
C LYS B 301 20.95 4.73 13.07
N TYR B 302 19.85 5.19 13.65
CA TYR B 302 19.66 6.64 13.84
C TYR B 302 20.73 7.23 14.75
N ALA B 303 20.77 8.54 14.83
CA ALA B 303 21.83 9.26 15.56
C ALA B 303 22.01 8.75 16.99
N ASN B 304 20.91 8.48 17.72
CA ASN B 304 21.05 7.97 19.08
C ASN B 304 21.11 6.45 19.22
N GLY B 305 21.28 5.75 18.11
CA GLY B 305 21.61 4.32 18.13
C GLY B 305 20.44 3.45 17.83
N GLU B 306 19.24 4.01 17.70
CA GLU B 306 18.03 3.15 17.44
C GLU B 306 18.10 2.54 16.02
N PRO B 307 17.90 1.23 15.88
CA PRO B 307 18.00 0.65 14.53
C PRO B 307 16.84 1.07 13.64
N VAL B 308 17.18 1.54 12.43
CA VAL B 308 16.13 1.91 11.47
C VAL B 308 15.27 0.63 11.14
N HIS B 309 15.88 -0.52 11.11
CA HIS B 309 15.18 -1.78 10.77
C HIS B 309 13.98 -2.04 11.71
N ALA B 310 14.11 -1.63 13.02
CA ALA B 310 12.97 -1.86 13.95
C ALA B 310 11.78 -0.95 13.57
N ASP B 311 12.07 0.29 13.21
CA ASP B 311 10.97 1.20 12.85
C ASP B 311 10.39 0.81 11.51
N TRP B 312 11.24 0.35 10.59
CA TRP B 312 10.69 -0.08 9.29
C TRP B 312 9.82 -1.31 9.50
N ASN B 313 10.26 -2.21 10.35
CA ASN B 313 9.42 -3.37 10.64
C ASN B 313 8.07 -2.96 11.23
N ARG B 314 8.10 -1.97 12.13
CA ARG B 314 6.83 -1.49 12.72
C ARG B 314 5.91 -0.89 11.63
N VAL B 315 6.45 -0.12 10.69
CA VAL B 315 5.63 0.41 9.58
C VAL B 315 5.07 -0.74 8.73
N MET B 316 5.91 -1.73 8.41
CA MET B 316 5.48 -2.83 7.56
C MET B 316 4.48 -3.71 8.23
N THR B 317 4.48 -3.80 9.55
CA THR B 317 3.48 -4.67 10.18
C THR B 317 2.19 -3.92 10.55
N THR B 318 2.28 -2.60 10.58
CA THR B 318 1.15 -1.78 11.01
C THR B 318 0.40 -1.17 9.81
N CYS B 319 1.13 -0.76 8.81
CA CYS B 319 0.60 0.01 7.69
C CYS B 319 0.48 -0.81 6.43
N PHE B 320 0.78 -2.09 6.51
CA PHE B 320 0.79 -2.96 5.33
C PHE B 320 0.26 -4.33 5.75
N ASN B 321 -0.30 -5.05 4.79
CA ASN B 321 -0.98 -6.34 5.10
C ASN B 321 -0.25 -7.52 4.56
N GLY B 322 0.96 -7.33 4.01
CA GLY B 322 1.74 -8.46 3.46
C GLY B 322 1.45 -8.64 1.98
N ALA B 323 2.51 -8.83 1.23
CA ALA B 323 2.37 -9.02 -0.21
C ALA B 323 1.63 -10.36 -0.41
N SER B 324 0.77 -10.34 -1.40
CA SER B 324 0.05 -11.59 -1.67
C SER B 324 0.96 -12.75 -1.96
N ASN B 325 0.53 -13.90 -1.47
CA ASN B 325 1.29 -15.12 -1.74
C ASN B 325 1.22 -15.58 -3.21
N ILE B 326 0.26 -15.04 -3.97
CA ILE B 326 0.25 -15.29 -5.42
C ILE B 326 1.42 -14.58 -6.06
N VAL B 327 1.63 -13.30 -5.76
CA VAL B 327 2.71 -12.53 -6.40
C VAL B 327 4.06 -13.03 -5.86
N GLN B 328 4.14 -13.43 -4.57
CA GLN B 328 5.43 -13.92 -4.05
C GLN B 328 5.77 -15.23 -4.73
N ALA B 329 4.76 -15.99 -5.14
CA ALA B 329 5.06 -17.23 -5.89
C ALA B 329 5.70 -16.88 -7.25
N GLY B 330 5.21 -15.84 -7.89
CA GLY B 330 5.79 -15.37 -9.16
C GLY B 330 7.23 -14.87 -8.93
N GLY B 331 7.50 -14.10 -7.88
CA GLY B 331 8.87 -13.65 -7.60
C GLY B 331 9.80 -14.82 -7.37
N LEU B 332 9.36 -15.79 -6.61
CA LEU B 332 10.26 -16.92 -6.34
C LEU B 332 10.53 -17.66 -7.66
N ALA B 333 9.51 -17.82 -8.53
CA ALA B 333 9.70 -18.53 -9.80
C ALA B 333 10.67 -17.77 -10.69
N CYS B 334 10.63 -16.43 -10.65
CA CYS B 334 11.53 -15.62 -11.45
C CYS B 334 13.00 -15.90 -11.12
N LEU B 335 13.26 -16.31 -9.88
CA LEU B 335 14.64 -16.53 -9.42
C LEU B 335 15.13 -17.94 -9.53
N GLN B 336 14.27 -18.80 -10.06
CA GLN B 336 14.70 -20.17 -10.34
C GLN B 336 15.33 -20.22 -11.75
N PRO B 337 16.00 -21.33 -12.09
CA PRO B 337 16.75 -21.31 -13.37
C PRO B 337 15.92 -20.91 -14.59
N GLU B 338 14.76 -21.53 -14.72
CA GLU B 338 13.92 -21.23 -15.93
C GLU B 338 13.37 -19.82 -15.87
N GLY B 339 13.00 -19.35 -14.67
CA GLY B 339 12.54 -18.00 -14.54
C GLY B 339 13.67 -17.00 -14.95
N LEU B 340 14.91 -17.25 -14.52
CA LEU B 340 16.00 -16.30 -14.83
C LEU B 340 16.26 -16.34 -16.35
N LYS B 341 16.20 -17.54 -16.94
CA LYS B 341 16.41 -17.65 -18.38
C LYS B 341 15.36 -16.79 -19.15
N GLU B 342 14.10 -16.96 -18.74
CA GLU B 342 12.96 -16.21 -19.45
C GLU B 342 13.05 -14.73 -19.14
N MET B 343 13.36 -14.43 -17.87
CA MET B 343 13.54 -13.00 -17.51
C MET B 343 14.67 -12.33 -18.32
N ASN B 344 15.82 -12.97 -18.41
CA ASN B 344 16.93 -12.44 -19.17
C ASN B 344 16.53 -12.24 -20.65
N ALA B 345 15.72 -13.18 -21.24
CA ALA B 345 15.34 -12.98 -22.64
C ALA B 345 14.44 -11.74 -22.76
N MET B 346 13.59 -11.52 -21.73
CA MET B 346 12.67 -10.36 -21.80
C MET B 346 13.48 -9.06 -21.67
N ILE B 347 14.48 -9.05 -20.76
CA ILE B 347 15.32 -7.87 -20.62
C ILE B 347 16.07 -7.57 -21.95
N LYS B 348 16.60 -8.62 -22.58
CA LYS B 348 17.32 -8.48 -23.84
C LYS B 348 16.41 -7.93 -24.91
N PHE B 349 15.12 -8.39 -24.97
CA PHE B 349 14.16 -7.87 -25.97
C PHE B 349 13.94 -6.35 -25.72
N TYR B 350 13.72 -5.94 -24.46
CA TYR B 350 13.45 -4.50 -24.20
C TYR B 350 14.69 -3.67 -24.54
N LYS B 351 15.90 -4.21 -24.24
CA LYS B 351 17.11 -3.46 -24.52
C LYS B 351 17.30 -3.31 -26.04
N GLU B 352 16.94 -4.36 -26.79
CA GLU B 352 17.00 -4.22 -28.26
C GLU B 352 16.00 -3.14 -28.74
N ASN B 353 14.78 -3.07 -28.13
CA ASN B 353 13.85 -1.96 -28.47
C ASN B 353 14.50 -0.62 -28.18
N ALA B 354 15.16 -0.51 -27.04
CA ALA B 354 15.82 0.78 -26.67
C ALA B 354 16.90 1.17 -27.66
N GLN B 355 17.64 0.18 -28.13
CA GLN B 355 18.69 0.47 -29.12
C GLN B 355 18.10 0.87 -30.49
N ILE B 356 17.01 0.22 -30.89
CA ILE B 356 16.32 0.62 -32.11
C ILE B 356 15.89 2.11 -32.00
N LEU B 357 15.26 2.47 -30.88
CA LEU B 357 14.84 3.93 -30.71
C LEU B 357 16.09 4.83 -30.65
N LYS B 358 17.12 4.43 -29.91
CA LYS B 358 18.31 5.31 -29.77
C LYS B 358 18.94 5.56 -31.16
N THR B 359 19.16 4.48 -31.91
CA THR B 359 19.81 4.60 -33.21
C THR B 359 19.00 5.48 -34.13
N THR B 360 17.67 5.39 -34.06
CA THR B 360 16.77 6.20 -34.92
C THR B 360 17.01 7.69 -34.66
N PHE B 361 17.06 8.02 -33.40
CA PHE B 361 17.25 9.46 -33.03
C PHE B 361 18.66 9.93 -33.32
N THR B 362 19.65 9.10 -33.05
CA THR B 362 21.01 9.57 -33.32
C THR B 362 21.28 9.74 -34.83
N GLU B 363 20.68 8.84 -35.65
CA GLU B 363 20.84 8.99 -37.10
C GLU B 363 20.15 10.22 -37.64
N MET B 364 19.14 10.68 -36.93
CA MET B 364 18.49 11.93 -37.30
C MET B 364 19.22 13.17 -36.77
N GLY B 365 20.31 12.99 -36.03
CA GLY B 365 21.03 14.17 -35.53
C GLY B 365 20.71 14.59 -34.14
N PHE B 366 19.81 13.87 -33.44
CA PHE B 366 19.53 14.26 -32.04
C PHE B 366 20.59 13.74 -31.10
N SER B 367 20.72 14.46 -30.01
CA SER B 367 21.54 14.00 -28.86
C SER B 367 20.66 13.09 -28.04
N VAL B 368 21.16 11.90 -27.81
CA VAL B 368 20.36 10.84 -27.12
C VAL B 368 21.20 10.18 -26.06
N TYR B 369 20.57 10.00 -24.91
CA TYR B 369 21.20 9.40 -23.76
C TYR B 369 20.37 8.20 -23.29
N GLY B 370 21.02 7.33 -22.48
CA GLY B 370 20.28 6.16 -21.98
C GLY B 370 20.28 5.08 -23.05
N GLY B 371 19.35 4.15 -22.88
CA GLY B 371 19.14 3.01 -23.76
C GLY B 371 20.22 1.95 -23.67
N ASP B 372 21.33 2.20 -23.00
CA ASP B 372 22.39 1.16 -22.85
C ASP B 372 22.28 0.30 -21.58
N ASP B 373 21.84 0.93 -20.50
CA ASP B 373 21.70 0.29 -19.19
C ASP B 373 20.27 0.43 -18.64
N ALA B 374 19.33 0.85 -19.48
CA ALA B 374 17.96 1.08 -19.05
C ALA B 374 17.02 0.95 -20.25
N PRO B 375 15.76 0.57 -19.99
CA PRO B 375 14.79 0.30 -21.10
C PRO B 375 13.97 1.56 -21.53
N TYR B 376 14.72 2.65 -21.77
CA TYR B 376 14.12 3.93 -22.23
C TYR B 376 15.31 4.79 -22.67
N ILE B 377 14.96 5.78 -23.45
CA ILE B 377 15.98 6.73 -23.90
C ILE B 377 15.53 8.15 -23.54
N TRP B 378 16.53 9.03 -23.60
CA TRP B 378 16.38 10.42 -23.08
C TRP B 378 16.95 11.33 -24.17
N VAL B 379 16.05 12.09 -24.82
CA VAL B 379 16.38 12.79 -26.08
C VAL B 379 16.37 14.27 -25.89
N GLY B 380 17.45 14.96 -26.34
CA GLY B 380 17.43 16.44 -26.24
C GLY B 380 16.59 17.11 -27.28
N PHE B 381 15.69 18.00 -26.83
CA PHE B 381 14.90 18.83 -27.73
C PHE B 381 15.12 20.26 -27.20
N PRO B 382 16.28 20.85 -27.52
CA PRO B 382 16.56 22.19 -26.98
C PRO B 382 15.71 23.24 -27.67
N GLY B 383 15.41 24.24 -26.87
CA GLY B 383 14.73 25.46 -27.41
C GLY B 383 13.25 25.54 -27.35
N LYS B 384 12.61 24.44 -26.90
CA LYS B 384 11.16 24.43 -26.77
C LYS B 384 10.83 23.74 -25.42
N PRO B 385 9.78 24.22 -24.71
CA PRO B 385 9.47 23.52 -23.46
C PRO B 385 9.10 22.06 -23.77
N SER B 386 9.57 21.16 -22.90
CA SER B 386 9.29 19.71 -23.14
C SER B 386 7.82 19.37 -23.12
N TRP B 387 6.98 20.10 -22.38
CA TRP B 387 5.52 19.81 -22.49
C TRP B 387 5.00 20.14 -23.90
N ASP B 388 5.60 21.15 -24.55
CA ASP B 388 5.20 21.48 -25.90
C ASP B 388 5.74 20.49 -26.92
N VAL B 389 6.91 19.95 -26.64
CA VAL B 389 7.41 18.89 -27.49
C VAL B 389 6.53 17.69 -27.38
N PHE B 390 6.21 17.32 -26.14
CA PHE B 390 5.32 16.17 -25.93
C PHE B 390 4.04 16.35 -26.78
N ALA B 391 3.44 17.54 -26.72
CA ALA B 391 2.18 17.82 -27.47
C ALA B 391 2.43 17.72 -28.99
N GLU B 392 3.59 18.20 -29.44
CA GLU B 392 3.88 18.20 -30.88
CA GLU B 392 3.91 18.20 -30.88
C GLU B 392 4.12 16.79 -31.40
N ILE B 393 4.84 15.97 -30.64
CA ILE B 393 5.04 14.58 -31.09
C ILE B 393 3.70 13.82 -31.12
N LEU B 394 2.87 14.04 -30.12
CA LEU B 394 1.59 13.41 -30.10
C LEU B 394 0.76 13.88 -31.32
N GLU B 395 0.77 15.18 -31.59
CA GLU B 395 0.01 15.71 -32.76
C GLU B 395 0.55 15.20 -34.11
N ARG B 396 1.88 15.20 -34.27
CA ARG B 396 2.44 14.97 -35.59
C ARG B 396 2.59 13.48 -35.86
N CYS B 397 2.91 12.70 -34.81
CA CYS B 397 3.22 11.31 -34.97
C CYS B 397 2.27 10.37 -34.27
N ASN B 398 1.33 10.89 -33.49
CA ASN B 398 0.44 10.03 -32.72
C ASN B 398 1.26 9.02 -31.87
N ILE B 399 2.27 9.57 -31.24
CA ILE B 399 3.14 8.82 -30.31
C ILE B 399 3.15 9.57 -29.00
N VAL B 400 2.89 8.79 -27.92
CA VAL B 400 3.00 9.35 -26.57
C VAL B 400 4.42 9.18 -26.06
N THR B 401 4.98 10.27 -25.53
CA THR B 401 6.32 10.26 -24.88
C THR B 401 6.09 10.85 -23.48
N THR B 402 7.12 11.05 -22.69
CA THR B 402 6.93 11.83 -21.45
C THR B 402 7.86 13.08 -21.45
N PRO B 403 7.35 14.21 -21.00
CA PRO B 403 8.16 15.44 -21.03
C PRO B 403 9.18 15.46 -19.91
N GLY B 404 10.42 15.89 -20.21
CA GLY B 404 11.47 15.86 -19.21
C GLY B 404 11.17 16.76 -18.00
N SER B 405 10.38 17.83 -18.19
CA SER B 405 10.15 18.68 -17.04
CA SER B 405 10.00 18.72 -17.09
C SER B 405 9.23 17.99 -16.00
N GLY B 406 8.52 16.92 -16.40
CA GLY B 406 7.79 16.14 -15.42
C GLY B 406 8.69 15.38 -14.45
N TYR B 407 9.97 15.32 -14.77
CA TYR B 407 10.97 14.68 -13.87
C TYR B 407 11.81 15.65 -13.10
N GLY B 408 11.37 16.91 -13.04
CA GLY B 408 12.03 17.91 -12.17
C GLY B 408 12.70 18.98 -13.02
N PRO B 409 13.22 20.02 -12.37
CA PRO B 409 13.69 21.18 -13.05
C PRO B 409 14.75 20.84 -14.13
N ALA B 410 15.71 19.97 -13.78
CA ALA B 410 16.78 19.66 -14.74
C ALA B 410 16.34 18.69 -15.81
N GLY B 411 15.07 18.31 -15.84
CA GLY B 411 14.53 17.49 -16.94
C GLY B 411 14.09 18.39 -18.10
N GLU B 412 13.97 19.70 -17.88
CA GLU B 412 13.51 20.54 -18.98
C GLU B 412 14.54 20.52 -20.13
N GLY B 413 13.98 20.48 -21.36
CA GLY B 413 14.77 20.42 -22.60
C GLY B 413 14.95 19.02 -23.16
N PHE B 414 14.34 18.03 -22.49
CA PHE B 414 14.46 16.60 -22.95
C PHE B 414 13.09 15.93 -22.89
N VAL B 415 13.01 14.81 -23.60
CA VAL B 415 11.80 13.95 -23.56
C VAL B 415 12.30 12.51 -23.37
N ARG B 416 11.54 11.74 -22.57
CA ARG B 416 11.88 10.30 -22.41
C ARG B 416 10.95 9.46 -23.32
N ALA B 417 11.50 8.40 -23.93
CA ALA B 417 10.67 7.44 -24.69
C ALA B 417 10.99 6.07 -24.14
N SER B 418 9.87 5.38 -23.77
CA SER B 418 9.96 4.04 -23.19
C SER B 418 10.18 2.98 -24.25
N ALA B 419 11.01 1.99 -23.93
CA ALA B 419 11.17 0.83 -24.78
C ALA B 419 10.21 -0.30 -24.50
N PHE B 420 9.31 -0.10 -23.52
CA PHE B 420 8.33 -1.17 -23.18
C PHE B 420 7.18 -1.10 -24.20
N GLY B 421 7.28 -1.99 -25.17
CA GLY B 421 6.23 -2.08 -26.20
C GLY B 421 6.57 -3.22 -27.12
N SER B 422 5.64 -3.57 -28.00
CA SER B 422 5.87 -4.64 -28.94
C SER B 422 6.91 -4.23 -30.00
N ARG B 423 7.49 -5.23 -30.65
CA ARG B 423 8.47 -4.88 -31.68
C ARG B 423 7.75 -4.18 -32.82
N GLU B 424 6.52 -4.58 -33.13
CA GLU B 424 5.77 -3.91 -34.25
C GLU B 424 5.48 -2.45 -33.90
N ASN B 425 5.13 -2.19 -32.64
CA ASN B 425 4.84 -0.79 -32.28
C ASN B 425 6.14 0.02 -32.26
N ILE B 426 7.26 -0.57 -31.76
CA ILE B 426 8.55 0.16 -31.75
C ILE B 426 8.92 0.51 -33.21
N LEU B 427 8.74 -0.45 -34.12
CA LEU B 427 9.14 -0.23 -35.52
C LEU B 427 8.21 0.82 -36.19
N GLU B 428 6.94 0.81 -35.87
CA GLU B 428 6.00 1.81 -36.45
C GLU B 428 6.31 3.16 -35.88
N ALA B 429 6.62 3.24 -34.58
CA ALA B 429 7.06 4.53 -34.03
C ALA B 429 8.29 5.05 -34.77
N VAL B 430 9.30 4.20 -35.00
CA VAL B 430 10.47 4.63 -35.73
C VAL B 430 10.07 5.14 -37.12
N ARG B 431 9.17 4.45 -37.83
CA ARG B 431 8.79 4.89 -39.17
C ARG B 431 8.21 6.28 -39.06
N ARG B 432 7.35 6.43 -38.07
CA ARG B 432 6.68 7.71 -37.91
C ARG B 432 7.60 8.86 -37.52
N PHE B 433 8.57 8.55 -36.64
CA PHE B 433 9.56 9.56 -36.26
C PHE B 433 10.43 9.96 -37.47
N LYS B 434 10.82 8.99 -38.30
CA LYS B 434 11.70 9.32 -39.48
C LYS B 434 10.91 10.15 -40.46
N GLU B 435 9.62 9.88 -40.60
CA GLU B 435 8.80 10.68 -41.53
C GLU B 435 8.67 12.12 -41.04
N ALA B 436 8.54 12.32 -39.74
CA ALA B 436 8.28 13.69 -39.20
C ALA B 436 9.57 14.49 -39.02
N TYR B 437 10.65 13.80 -38.62
CA TYR B 437 11.84 14.45 -38.11
C TYR B 437 13.10 14.10 -38.91
N GLY B 438 12.99 13.20 -39.86
CA GLY B 438 14.19 12.72 -40.54
C GLY B 438 14.58 13.62 -41.70
S SO4 C . -2.77 -15.91 2.90
O1 SO4 C . -3.93 -15.05 2.72
O2 SO4 C . -3.22 -17.22 3.41
O3 SO4 C . -2.07 -16.09 1.61
O4 SO4 C . -1.80 -15.28 3.81
S SO4 D . -6.42 -5.76 5.04
O1 SO4 D . -6.64 -6.06 6.44
O2 SO4 D . -5.83 -6.94 4.48
O3 SO4 D . -7.70 -5.45 4.37
O4 SO4 D . -5.49 -4.65 4.91
C1 GOL E . -16.37 -5.81 2.45
C1 GOL E . -16.05 -6.38 3.41
O1 GOL E . -15.83 -5.11 3.59
O1 GOL E . -16.02 -7.69 2.86
C2 GOL E . -17.83 -5.58 2.31
C2 GOL E . -17.03 -5.48 2.65
O2 GOL E . -18.12 -4.54 1.39
O2 GOL E . -16.44 -4.22 2.35
C3 GOL E . -18.34 -5.28 3.70
C3 GOL E . -18.28 -5.33 3.51
O3 GOL E . -18.33 -3.87 3.77
O3 GOL E . -18.81 -4.02 3.46
N1 AZI F . 28.77 13.52 10.62
N2 AZI F . 28.84 12.38 10.30
N3 AZI F . 28.92 11.25 10.00
N1 AZI G . -15.19 -23.62 4.84
N2 AZI G . -15.52 -22.62 4.35
N3 AZI G . -15.87 -21.61 3.84
S SO4 H . -1.02 -4.85 -15.59
O1 SO4 H . -1.52 -3.49 -15.29
O2 SO4 H . -1.94 -5.84 -15.00
O3 SO4 H . -0.93 -5.09 -17.01
O4 SO4 H . 0.28 -5.04 -14.96
S SO4 I . 6.01 -0.14 -8.36
O1 SO4 I . 5.46 0.46 -7.14
O2 SO4 I . 7.15 -1.03 -8.12
O3 SO4 I . 4.97 -0.88 -9.10
O4 SO4 I . 6.46 0.92 -9.25
C1 GOL J . 16.93 -5.38 -9.18
O1 GOL J . 17.49 -4.28 -8.47
C2 GOL J . 15.49 -5.07 -9.60
O2 GOL J . 14.64 -4.03 -9.18
C3 GOL J . 14.59 -6.23 -9.92
O3 GOL J . 13.87 -5.66 -11.04
N1 AZI K . 33.93 0.82 5.44
N2 AZI K . 34.19 1.76 4.80
N3 AZI K . 34.43 2.70 4.15
#